data_1TQQ
#
_entry.id   1TQQ
#
_cell.length_a   265.276
_cell.length_b   265.276
_cell.length_c   96.253
_cell.angle_alpha   90.00
_cell.angle_beta   90.00
_cell.angle_gamma   120.00
#
_symmetry.space_group_name_H-M   'H 3'
#
loop_
_entity.id
_entity.type
_entity.pdbx_description
1 polymer 'Outer membrane protein tolC'
2 non-polymer 'COBALT HEXAMMINE(III)'
3 water water
#
_entity_poly.entity_id   1
_entity_poly.type   'polypeptide(L)'
_entity_poly.pdbx_seq_one_letter_code
;ENLMQVYQQARLSNPELRKSAADRDAAFEKINEARSPLLPQLGLGADYTYSNGYRDANGINSNATSASLQLTQSIFDMSK
WRALTLQEKAAGIQDVTYQTDQQTLILNTATAYFNVLNAIDVLSYTQAQKEAIYRQLDQTTQRFNVGLVAITDVQNARAQ
YDTVLANELTARNNLDNAVEQLRQITGNYYPELAALNVENFKTDKPQPVNALLKEAEKRNLSLLQARLSQDLAREQIRQA
QDGHLPTLDLTASTGISDTSYSGSKTRGAAGTQYDDSNMGQNKVGLSFSLPIYQGGMVNSQVKQAQYNFVGASEQLESAH
RSVVQTVRSSFNNINASISSINAYKQAVVSAQSSLDAMEAGYSVGTRTIVDVLDATTTLYNAKQELANARYNYLINQLNI
KSALGTLNEQDLLALNNALSKPVSTNPENVAPQTPEQNAIADGYAPDSPAPVVQQTSARTTTSNGHNPFRN
;
_entity_poly.pdbx_strand_id   A,B,C
#
# COMPACT_ATOMS: atom_id res chain seq x y z
N GLU A 1 14.81 -29.34 -8.25
CA GLU A 1 15.99 -28.94 -9.10
C GLU A 1 15.62 -28.30 -10.48
N ASN A 2 14.85 -28.96 -11.34
CA ASN A 2 14.34 -28.25 -12.54
C ASN A 2 13.12 -27.38 -12.16
N LEU A 3 12.59 -26.61 -13.11
CA LEU A 3 11.61 -25.61 -12.72
C LEU A 3 10.22 -26.21 -12.37
N MET A 4 9.85 -27.29 -13.10
CA MET A 4 8.64 -28.08 -12.82
C MET A 4 8.72 -28.52 -11.38
N GLN A 5 9.86 -29.11 -11.01
CA GLN A 5 10.07 -29.59 -9.64
C GLN A 5 10.05 -28.47 -8.56
N VAL A 6 10.53 -27.29 -8.92
CA VAL A 6 10.58 -26.16 -8.01
C VAL A 6 9.16 -25.63 -7.77
N TYR A 7 8.38 -25.52 -8.84
CA TYR A 7 6.99 -25.09 -8.71
C TYR A 7 6.07 -26.11 -8.01
N GLN A 8 6.30 -27.42 -8.23
CA GLN A 8 5.53 -28.47 -7.53
C GLN A 8 5.71 -28.36 -6.02
N GLN A 9 6.95 -28.10 -5.60
CA GLN A 9 7.33 -27.98 -4.20
C GLN A 9 6.75 -26.71 -3.61
N ALA A 10 6.60 -25.71 -4.47
CA ALA A 10 6.07 -24.40 -4.09
C ALA A 10 4.54 -24.36 -3.96
N ARG A 11 3.85 -25.03 -4.88
CA ARG A 11 2.40 -25.16 -4.89
C ARG A 11 1.85 -25.79 -3.59
N LEU A 12 2.46 -26.86 -3.09
CA LEU A 12 1.93 -27.48 -1.87
C LEU A 12 2.06 -26.59 -0.64
N SER A 13 3.16 -25.85 -0.53
CA SER A 13 3.53 -25.19 0.74
C SER A 13 3.50 -23.64 0.81
N ASN A 14 3.24 -22.96 -0.29
CA ASN A 14 3.29 -21.49 -0.29
C ASN A 14 2.25 -20.79 0.57
N PRO A 15 2.68 -20.03 1.57
CA PRO A 15 1.76 -19.33 2.49
C PRO A 15 0.92 -18.21 1.89
N GLU A 16 1.40 -17.45 0.93
CA GLU A 16 0.59 -16.40 0.32
C GLU A 16 -0.57 -17.01 -0.48
N LEU A 17 -0.36 -18.17 -1.10
CA LEU A 17 -1.39 -18.91 -1.85
C LEU A 17 -2.43 -19.54 -0.94
N ARG A 18 -1.93 -20.15 0.12
CA ARG A 18 -2.74 -20.95 1.01
C ARG A 18 -3.63 -20.06 1.88
N LYS A 19 -3.18 -18.81 2.06
CA LYS A 19 -3.93 -17.76 2.75
C LYS A 19 -5.08 -17.34 1.89
N SER A 20 -4.80 -17.18 0.60
CA SER A 20 -5.80 -16.83 -0.40
C SER A 20 -6.95 -17.86 -0.46
N ALA A 21 -6.56 -19.14 -0.42
CA ALA A 21 -7.47 -20.29 -0.35
C ALA A 21 -8.36 -20.24 0.89
N ALA A 22 -7.79 -19.84 2.01
CA ALA A 22 -8.53 -19.58 3.23
C ALA A 22 -9.56 -18.42 3.12
N ASP A 23 -9.20 -17.34 2.43
CA ASP A 23 -10.09 -16.20 2.19
C ASP A 23 -11.28 -16.58 1.29
N ARG A 24 -11.02 -17.50 0.36
CA ARG A 24 -11.98 -17.98 -0.63
C ARG A 24 -12.97 -18.94 0.01
N ASP A 25 -12.43 -19.86 0.79
CA ASP A 25 -13.23 -20.73 1.61
C ASP A 25 -14.12 -19.97 2.62
N ALA A 26 -13.60 -18.96 3.30
CA ALA A 26 -14.41 -18.19 4.23
C ALA A 26 -15.54 -17.50 3.51
N ALA A 27 -15.26 -16.96 2.34
CA ALA A 27 -16.28 -16.24 1.61
C ALA A 27 -17.37 -17.18 1.08
N PHE A 28 -17.00 -18.40 0.69
CA PHE A 28 -17.99 -19.38 0.20
C PHE A 28 -18.87 -19.92 1.36
N GLU A 29 -18.23 -20.22 2.50
CA GLU A 29 -18.92 -20.64 3.70
C GLU A 29 -19.91 -19.58 4.20
N LYS A 30 -19.50 -18.31 4.11
CA LYS A 30 -20.32 -17.18 4.54
C LYS A 30 -21.59 -17.09 3.73
N ILE A 31 -21.67 -17.87 2.64
CA ILE A 31 -22.89 -18.02 1.84
C ILE A 31 -24.01 -18.57 2.73
N ASN A 32 -23.66 -19.57 3.55
CA ASN A 32 -24.56 -20.18 4.51
C ASN A 32 -25.05 -19.20 5.61
N GLU A 33 -24.17 -18.35 6.10
CA GLU A 33 -24.52 -17.32 7.08
C GLU A 33 -25.42 -16.24 6.50
N ALA A 34 -25.51 -16.19 5.19
CA ALA A 34 -26.35 -15.20 4.52
C ALA A 34 -27.70 -15.79 4.10
N ARG A 35 -27.79 -17.13 4.06
CA ARG A 35 -29.05 -17.85 3.87
C ARG A 35 -29.83 -17.96 5.16
N SER A 36 -29.10 -18.08 6.26
CA SER A 36 -29.63 -18.37 7.59
C SER A 36 -30.85 -17.53 8.06
N PRO A 37 -30.90 -16.22 7.80
CA PRO A 37 -32.08 -15.41 8.19
C PRO A 37 -33.34 -15.66 7.34
N LEU A 38 -33.22 -16.49 6.30
CA LEU A 38 -34.34 -16.91 5.44
C LEU A 38 -34.92 -18.26 5.89
N LEU A 39 -34.38 -18.78 6.97
CA LEU A 39 -34.70 -20.10 7.49
C LEU A 39 -35.29 -19.92 8.91
N PRO A 40 -35.96 -20.97 9.46
CA PRO A 40 -36.55 -20.91 10.80
C PRO A 40 -35.62 -20.44 11.96
N GLN A 41 -36.02 -19.38 12.68
CA GLN A 41 -35.39 -18.89 13.92
C GLN A 41 -36.13 -19.43 15.16
N LEU A 42 -35.43 -20.12 16.07
CA LEU A 42 -36.08 -20.83 17.18
C LEU A 42 -35.36 -20.67 18.53
N GLY A 43 -35.83 -19.76 19.38
CA GLY A 43 -35.25 -19.54 20.70
C GLY A 43 -36.17 -19.86 21.88
N LEU A 44 -35.59 -20.26 23.02
CA LEU A 44 -36.35 -20.47 24.26
C LEU A 44 -36.11 -19.38 25.30
N GLY A 45 -37.10 -18.50 25.52
CA GLY A 45 -37.09 -17.53 26.62
C GLY A 45 -37.68 -18.15 27.88
N ALA A 46 -37.36 -17.62 29.06
CA ALA A 46 -37.74 -18.22 30.37
C ALA A 46 -37.36 -17.43 31.62
N ASP A 47 -38.22 -16.53 32.09
CA ASP A 47 -37.86 -15.70 33.26
C ASP A 47 -38.56 -15.98 34.61
N TYR A 48 -38.20 -15.16 35.61
CA TYR A 48 -38.81 -15.15 36.94
C TYR A 48 -38.82 -13.69 37.43
N THR A 49 -40.00 -13.07 37.50
CA THR A 49 -40.15 -11.70 38.08
C THR A 49 -40.72 -11.70 39.51
N TYR A 50 -40.15 -10.87 40.39
CA TYR A 50 -40.74 -10.56 41.69
C TYR A 50 -41.08 -9.04 41.82
N SER A 51 -42.37 -8.71 41.78
CA SER A 51 -42.82 -7.31 41.93
C SER A 51 -43.13 -6.94 43.40
N ASN A 52 -43.12 -5.65 43.71
CA ASN A 52 -43.48 -5.14 45.04
C ASN A 52 -44.10 -3.73 44.93
N GLY A 53 -45.43 -3.69 44.89
CA GLY A 53 -46.16 -2.44 44.72
C GLY A 53 -45.97 -1.46 45.86
N TYR A 54 -46.18 -0.19 45.57
CA TYR A 54 -46.25 0.81 46.62
C TYR A 54 -47.12 1.98 46.18
N ARG A 55 -47.28 2.98 47.06
CA ARG A 55 -48.00 4.23 46.76
C ARG A 55 -49.28 4.00 45.94
N ASP A 56 -50.41 3.72 46.60
CA ASP A 56 -51.72 3.51 45.93
C ASP A 56 -51.77 2.12 45.23
N ALA A 57 -50.80 1.28 45.57
CA ALA A 57 -50.75 -0.12 45.14
C ALA A 57 -49.93 -0.89 46.16
N ASN A 58 -49.65 -0.22 47.28
CA ASN A 58 -49.05 -0.86 48.44
C ASN A 58 -49.86 -2.08 48.91
N GLY A 59 -49.16 -3.15 49.20
CA GLY A 59 -49.81 -4.35 49.69
C GLY A 59 -50.17 -5.37 48.62
N ILE A 60 -50.15 -5.00 47.34
CA ILE A 60 -50.24 -6.02 46.28
C ILE A 60 -48.86 -6.37 45.69
N ASN A 61 -48.50 -7.66 45.78
CA ASN A 61 -47.17 -8.15 45.45
C ASN A 61 -47.27 -9.46 44.65
N SER A 62 -46.45 -9.63 43.61
CA SER A 62 -46.45 -10.86 42.81
C SER A 62 -45.11 -11.57 42.81
N ASN A 63 -45.12 -12.84 42.41
CA ASN A 63 -44.03 -13.39 41.61
C ASN A 63 -44.49 -14.27 40.47
N ALA A 64 -44.02 -13.92 39.26
CA ALA A 64 -44.29 -14.61 37.99
C ALA A 64 -43.13 -15.54 37.56
N THR A 65 -43.45 -16.60 36.82
CA THR A 65 -42.48 -17.48 36.15
C THR A 65 -43.02 -17.74 34.75
N SER A 66 -42.27 -17.39 33.70
CA SER A 66 -42.62 -17.67 32.29
C SER A 66 -41.60 -18.57 31.62
N ALA A 67 -41.99 -19.16 30.50
CA ALA A 67 -41.14 -20.01 29.67
C ALA A 67 -41.87 -20.23 28.36
N SER A 68 -41.14 -20.09 27.25
CA SER A 68 -41.74 -20.16 25.91
C SER A 68 -40.73 -20.53 24.82
N LEU A 69 -41.13 -21.41 23.91
CA LEU A 69 -40.43 -21.60 22.64
C LEU A 69 -40.99 -20.53 21.71
N GLN A 70 -40.13 -19.65 21.16
CA GLN A 70 -40.53 -18.68 20.10
C GLN A 70 -39.97 -19.10 18.74
N LEU A 71 -40.62 -18.61 17.69
CA LEU A 71 -40.26 -18.99 16.33
C LEU A 71 -40.52 -17.80 15.38
N THR A 72 -39.50 -17.35 14.64
CA THR A 72 -39.74 -16.42 13.54
C THR A 72 -39.44 -17.08 12.18
N GLN A 73 -40.05 -16.53 11.13
CA GLN A 73 -39.90 -17.06 9.76
C GLN A 73 -40.28 -15.97 8.74
N SER A 74 -39.32 -15.60 7.88
CA SER A 74 -39.58 -14.61 6.83
C SER A 74 -40.43 -15.22 5.73
N ILE A 75 -41.40 -14.46 5.27
CA ILE A 75 -42.28 -14.91 4.20
C ILE A 75 -41.98 -14.04 2.97
N PHE A 76 -41.92 -12.74 3.18
CA PHE A 76 -41.49 -11.81 2.15
C PHE A 76 -40.68 -10.66 2.76
N ASP A 77 -39.39 -10.67 2.45
CA ASP A 77 -38.44 -9.61 2.85
C ASP A 77 -37.32 -9.64 1.81
N MET A 78 -37.40 -8.73 0.85
CA MET A 78 -36.48 -8.78 -0.30
C MET A 78 -35.03 -8.47 0.13
N SER A 79 -34.84 -7.57 1.10
CA SER A 79 -33.54 -7.24 1.68
C SER A 79 -32.80 -8.45 2.30
N LYS A 80 -33.56 -9.47 2.67
CA LYS A 80 -32.98 -10.68 3.22
C LYS A 80 -32.53 -11.63 2.10
N TRP A 81 -33.19 -11.55 0.94
CA TRP A 81 -32.79 -12.32 -0.26
C TRP A 81 -31.57 -11.68 -0.94
N ARG A 82 -31.53 -10.34 -0.89
CA ARG A 82 -30.39 -9.54 -1.35
C ARG A 82 -29.09 -9.89 -0.62
N ALA A 83 -29.07 -9.75 0.70
CA ALA A 83 -27.90 -10.15 1.48
C ALA A 83 -27.37 -11.54 1.04
N LEU A 84 -28.26 -12.39 0.50
CA LEU A 84 -27.86 -13.71 0.03
C LEU A 84 -27.15 -13.67 -1.32
N THR A 85 -27.72 -12.98 -2.31
CA THR A 85 -27.09 -12.90 -3.65
C THR A 85 -25.81 -12.03 -3.61
N LEU A 86 -25.77 -11.06 -2.69
CA LEU A 86 -24.64 -10.17 -2.46
C LEU A 86 -23.46 -10.90 -1.88
N GLN A 87 -23.73 -11.97 -1.15
CA GLN A 87 -22.70 -12.77 -0.54
C GLN A 87 -22.31 -13.90 -1.48
N GLU A 88 -23.16 -14.20 -2.48
CA GLU A 88 -22.81 -15.21 -3.49
C GLU A 88 -21.95 -14.58 -4.57
N LYS A 89 -22.22 -13.30 -4.85
CA LYS A 89 -21.44 -12.47 -5.76
C LYS A 89 -20.07 -12.12 -5.16
N ALA A 90 -20.05 -11.83 -3.85
CA ALA A 90 -18.82 -11.69 -3.09
C ALA A 90 -17.95 -12.94 -3.13
N ALA A 91 -18.54 -14.13 -3.03
CA ALA A 91 -17.74 -15.37 -3.11
C ALA A 91 -17.24 -15.61 -4.52
N GLY A 92 -17.93 -15.02 -5.49
CA GLY A 92 -17.56 -15.14 -6.88
C GLY A 92 -16.36 -14.27 -7.17
N ILE A 93 -16.35 -13.06 -6.59
CA ILE A 93 -15.22 -12.14 -6.59
C ILE A 93 -13.99 -12.80 -5.95
N GLN A 94 -14.12 -13.34 -4.74
CA GLN A 94 -13.03 -14.00 -4.01
C GLN A 94 -12.45 -15.20 -4.77
N ASP A 95 -13.28 -15.88 -5.56
CA ASP A 95 -12.90 -17.06 -6.34
C ASP A 95 -12.00 -16.69 -7.53
N VAL A 96 -12.24 -15.47 -8.03
CA VAL A 96 -11.46 -14.92 -9.11
C VAL A 96 -10.13 -14.36 -8.56
N THR A 97 -10.17 -13.64 -7.43
CA THR A 97 -8.91 -13.27 -6.77
C THR A 97 -8.07 -14.49 -6.34
N TYR A 98 -8.70 -15.61 -6.03
CA TYR A 98 -7.93 -16.83 -5.83
C TYR A 98 -7.24 -17.30 -7.12
N GLN A 99 -7.96 -17.20 -8.24
CA GLN A 99 -7.45 -17.63 -9.54
C GLN A 99 -6.31 -16.71 -9.94
N THR A 100 -6.41 -15.44 -9.55
CA THR A 100 -5.35 -14.43 -9.82
C THR A 100 -4.05 -14.76 -9.07
N ASP A 101 -4.19 -15.21 -7.83
CA ASP A 101 -3.05 -15.54 -6.96
C ASP A 101 -2.40 -16.85 -7.37
N GLN A 102 -3.20 -17.79 -7.85
CA GLN A 102 -2.72 -19.06 -8.37
C GLN A 102 -1.78 -18.80 -9.52
N GLN A 103 -2.12 -17.77 -10.27
CA GLN A 103 -1.38 -17.32 -11.43
C GLN A 103 -0.11 -16.52 -11.02
N THR A 104 -0.26 -15.60 -10.04
CA THR A 104 0.87 -14.92 -9.40
C THR A 104 1.96 -15.90 -8.89
N LEU A 105 1.60 -16.97 -8.19
CA LEU A 105 2.60 -17.96 -7.79
C LEU A 105 3.36 -18.58 -8.97
N ILE A 106 2.66 -18.98 -10.03
CA ILE A 106 3.32 -19.46 -11.24
C ILE A 106 4.34 -18.43 -11.73
N LEU A 107 3.90 -17.16 -11.88
CA LEU A 107 4.75 -16.08 -12.44
C LEU A 107 5.96 -15.78 -11.57
N ASN A 108 5.69 -15.60 -10.29
CA ASN A 108 6.71 -15.25 -9.33
C ASN A 108 7.73 -16.35 -9.15
N THR A 109 7.32 -17.60 -9.34
CA THR A 109 8.21 -18.74 -9.19
C THR A 109 9.11 -18.87 -10.39
N ALA A 110 8.54 -18.70 -11.58
CA ALA A 110 9.33 -18.74 -12.79
C ALA A 110 10.32 -17.55 -12.79
N THR A 111 9.82 -16.37 -12.40
CA THR A 111 10.64 -15.17 -12.35
C THR A 111 11.82 -15.39 -11.41
N ALA A 112 11.57 -15.94 -10.22
CA ALA A 112 12.63 -16.13 -9.23
C ALA A 112 13.61 -17.23 -9.63
N TYR A 113 13.11 -18.22 -10.35
CA TYR A 113 13.94 -19.32 -10.83
C TYR A 113 14.96 -18.82 -11.85
N PHE A 114 14.47 -18.01 -12.79
CA PHE A 114 15.32 -17.46 -13.82
C PHE A 114 16.30 -16.39 -13.28
N ASN A 115 15.92 -15.71 -12.20
CA ASN A 115 16.76 -14.69 -11.60
C ASN A 115 17.98 -15.35 -11.03
N VAL A 116 17.80 -16.52 -10.46
CA VAL A 116 18.93 -17.26 -9.89
C VAL A 116 19.88 -17.76 -10.99
N LEU A 117 19.32 -18.18 -12.12
CA LEU A 117 20.11 -18.62 -13.25
C LEU A 117 20.89 -17.46 -13.84
N ASN A 118 20.22 -16.29 -13.91
CA ASN A 118 20.80 -15.04 -14.38
C ASN A 118 21.99 -14.69 -13.50
N ALA A 119 21.79 -14.75 -12.19
CA ALA A 119 22.83 -14.47 -11.23
C ALA A 119 24.00 -15.50 -11.30
N ILE A 120 23.74 -16.72 -11.80
CA ILE A 120 24.76 -17.75 -11.97
C ILE A 120 25.60 -17.41 -13.19
N ASP A 121 24.95 -16.94 -14.24
CA ASP A 121 25.67 -16.48 -15.41
C ASP A 121 26.50 -15.20 -15.15
N VAL A 122 25.94 -14.20 -14.47
CA VAL A 122 26.72 -13.00 -14.11
C VAL A 122 28.00 -13.40 -13.37
N LEU A 123 27.90 -14.28 -12.39
CA LEU A 123 29.09 -14.63 -11.60
C LEU A 123 30.09 -15.48 -12.38
N SER A 124 29.56 -16.33 -13.25
CA SER A 124 30.40 -17.22 -14.03
C SER A 124 31.20 -16.47 -15.12
N TYR A 125 30.60 -15.45 -15.70
CA TYR A 125 31.28 -14.57 -16.63
C TYR A 125 32.22 -13.54 -15.90
N THR A 126 31.82 -13.02 -14.75
CA THR A 126 32.73 -12.24 -13.95
C THR A 126 33.96 -13.07 -13.55
N GLN A 127 33.78 -14.37 -13.35
CA GLN A 127 34.90 -15.23 -13.02
C GLN A 127 35.75 -15.55 -14.24
N ALA A 128 35.13 -15.60 -15.41
CA ALA A 128 35.85 -15.84 -16.65
C ALA A 128 36.65 -14.60 -17.02
N GLN A 129 36.06 -13.41 -16.79
CA GLN A 129 36.80 -12.16 -16.91
C GLN A 129 37.99 -12.04 -15.95
N LYS A 130 37.76 -12.32 -14.66
CA LYS A 130 38.83 -12.40 -13.67
C LYS A 130 40.03 -13.21 -14.19
N GLU A 131 39.76 -14.40 -14.73
CA GLU A 131 40.77 -15.35 -15.16
C GLU A 131 41.47 -14.92 -16.42
N ALA A 132 40.74 -14.36 -17.37
CA ALA A 132 41.38 -13.79 -18.56
C ALA A 132 42.33 -12.63 -18.22
N ILE A 133 41.90 -11.71 -17.36
CA ILE A 133 42.76 -10.60 -16.94
C ILE A 133 43.93 -11.03 -16.08
N TYR A 134 43.72 -12.05 -15.24
CA TYR A 134 44.85 -12.62 -14.53
C TYR A 134 45.85 -13.20 -15.51
N ARG A 135 45.41 -13.94 -16.53
CA ARG A 135 46.30 -14.44 -17.59
C ARG A 135 47.14 -13.32 -18.18
N GLN A 136 46.55 -12.15 -18.46
CA GLN A 136 47.30 -11.00 -18.97
C GLN A 136 48.33 -10.51 -17.95
N LEU A 137 47.93 -10.44 -16.70
CA LEU A 137 48.74 -9.89 -15.66
C LEU A 137 49.97 -10.75 -15.47
N ASP A 138 49.75 -12.07 -15.55
CA ASP A 138 50.80 -13.07 -15.36
C ASP A 138 51.78 -13.06 -16.50
N GLN A 139 51.27 -12.97 -17.71
CA GLN A 139 52.14 -12.96 -18.85
C GLN A 139 52.86 -11.60 -19.04
N THR A 140 52.39 -10.56 -18.38
CA THR A 140 53.04 -9.25 -18.45
C THR A 140 54.14 -9.27 -17.43
N THR A 141 53.87 -9.89 -16.29
CA THR A 141 54.87 -10.10 -15.30
C THR A 141 56.07 -10.92 -15.86
N GLN A 142 55.77 -11.98 -16.60
CA GLN A 142 56.80 -12.78 -17.23
C GLN A 142 57.59 -11.95 -18.21
N ARG A 143 56.88 -11.30 -19.13
CA ARG A 143 57.47 -10.40 -20.12
C ARG A 143 58.30 -9.25 -19.52
N PHE A 144 57.84 -8.67 -18.41
CA PHE A 144 58.64 -7.65 -17.75
C PHE A 144 59.96 -8.16 -17.20
N ASN A 145 59.95 -9.36 -16.62
CA ASN A 145 61.14 -9.94 -16.01
C ASN A 145 62.21 -10.21 -17.03
N VAL A 146 61.80 -10.61 -18.23
CA VAL A 146 62.73 -10.84 -19.31
C VAL A 146 63.07 -9.65 -20.23
N GLY A 147 62.61 -8.47 -19.89
CA GLY A 147 62.99 -7.28 -20.63
C GLY A 147 62.14 -6.87 -21.81
N LEU A 148 60.97 -7.45 -21.99
CA LEU A 148 60.18 -7.23 -23.21
C LEU A 148 59.11 -6.13 -23.15
N VAL A 149 58.48 -5.93 -21.98
CA VAL A 149 57.51 -4.86 -21.75
C VAL A 149 57.94 -4.06 -20.49
N ALA A 150 57.43 -2.84 -20.34
CA ALA A 150 57.83 -2.02 -19.21
C ALA A 150 56.96 -2.32 -17.97
N ILE A 151 57.42 -1.87 -16.78
CA ILE A 151 56.74 -2.06 -15.52
C ILE A 151 55.31 -1.48 -15.59
N THR A 152 55.13 -0.46 -16.43
CA THR A 152 53.86 0.18 -16.60
C THR A 152 52.77 -0.83 -16.97
N ASP A 153 53.12 -1.73 -17.88
CA ASP A 153 52.21 -2.79 -18.33
C ASP A 153 51.74 -3.65 -17.20
N VAL A 154 52.64 -3.89 -16.25
CA VAL A 154 52.28 -4.69 -15.07
C VAL A 154 51.38 -3.97 -14.13
N GLN A 155 51.67 -2.71 -13.90
CA GLN A 155 50.96 -1.88 -12.98
C GLN A 155 49.54 -1.60 -13.42
N ASN A 156 49.38 -1.41 -14.73
CA ASN A 156 48.06 -1.17 -15.31
C ASN A 156 47.17 -2.39 -15.19
N ALA A 157 47.75 -3.55 -15.51
CA ALA A 157 47.10 -4.84 -15.40
C ALA A 157 46.63 -5.20 -14.00
N ARG A 158 47.49 -5.02 -13.02
CA ARG A 158 47.12 -5.24 -11.62
C ARG A 158 45.91 -4.42 -11.12
N ALA A 159 45.90 -3.11 -11.45
CA ALA A 159 44.85 -2.20 -11.04
C ALA A 159 43.54 -2.65 -11.58
N GLN A 160 43.58 -3.11 -12.82
CA GLN A 160 42.40 -3.51 -13.52
C GLN A 160 41.94 -4.94 -13.08
N TYR A 161 42.86 -5.79 -12.68
CA TYR A 161 42.56 -7.05 -11.99
C TYR A 161 41.97 -6.85 -10.61
N ASP A 162 42.39 -5.83 -9.91
CA ASP A 162 41.81 -5.54 -8.63
C ASP A 162 40.30 -5.14 -8.72
N THR A 163 39.94 -4.40 -9.77
CA THR A 163 38.58 -3.99 -10.03
C THR A 163 37.71 -5.21 -10.23
N VAL A 164 38.23 -6.16 -10.98
CA VAL A 164 37.46 -7.34 -11.26
C VAL A 164 37.21 -8.22 -10.00
N LEU A 165 38.21 -8.31 -9.12
CA LEU A 165 38.07 -9.04 -7.85
C LEU A 165 36.94 -8.51 -6.98
N ALA A 166 36.79 -7.19 -6.96
CA ALA A 166 35.76 -6.52 -6.22
C ALA A 166 34.41 -6.64 -6.87
N ASN A 167 34.36 -6.85 -8.19
CA ASN A 167 33.11 -7.01 -8.89
C ASN A 167 32.59 -8.40 -8.63
N GLU A 168 33.50 -9.32 -8.36
CA GLU A 168 33.14 -10.69 -8.03
C GLU A 168 32.42 -10.85 -6.68
N LEU A 169 32.77 -10.02 -5.69
CA LEU A 169 32.03 -10.01 -4.44
C LEU A 169 30.62 -9.59 -4.63
N THR A 170 30.40 -8.59 -5.47
CA THR A 170 29.04 -8.17 -5.78
C THR A 170 28.26 -9.26 -6.51
N ALA A 171 28.93 -9.90 -7.47
CA ALA A 171 28.35 -10.92 -8.34
C ALA A 171 27.85 -12.10 -7.52
N ARG A 172 28.64 -12.41 -6.50
CA ARG A 172 28.42 -13.57 -5.63
C ARG A 172 27.35 -13.25 -4.61
N ASN A 173 27.36 -12.03 -4.10
CA ASN A 173 26.30 -11.59 -3.22
C ASN A 173 24.92 -11.55 -3.87
N ASN A 174 24.86 -11.05 -5.10
CA ASN A 174 23.64 -11.06 -5.87
C ASN A 174 23.07 -12.45 -6.09
N LEU A 175 23.94 -13.43 -6.24
CA LEU A 175 23.55 -14.83 -6.40
C LEU A 175 23.00 -15.43 -5.13
N ASP A 176 23.66 -15.21 -4.00
CA ASP A 176 23.18 -15.68 -2.70
C ASP A 176 21.84 -15.07 -2.34
N ASN A 177 21.62 -13.81 -2.69
CA ASN A 177 20.37 -13.11 -2.41
C ASN A 177 19.19 -13.50 -3.32
N ALA A 178 19.50 -13.94 -4.53
CA ALA A 178 18.50 -14.40 -5.48
C ALA A 178 18.05 -15.82 -5.10
N VAL A 179 18.99 -16.59 -4.55
CA VAL A 179 18.77 -17.90 -4.01
C VAL A 179 17.87 -17.78 -2.78
N GLU A 180 18.07 -16.74 -1.99
CA GLU A 180 17.18 -16.46 -0.87
C GLU A 180 15.82 -15.91 -1.32
N GLN A 181 15.79 -15.12 -2.39
CA GLN A 181 14.52 -14.74 -2.99
C GLN A 181 13.71 -16.00 -3.29
N LEU A 182 14.38 -17.01 -3.84
CA LEU A 182 13.75 -18.27 -4.24
C LEU A 182 13.19 -19.07 -3.06
N ARG A 183 13.98 -19.13 -2.01
CA ARG A 183 13.63 -19.83 -0.77
C ARG A 183 12.40 -19.20 -0.08
N GLN A 184 12.24 -17.89 -0.21
CA GLN A 184 11.08 -17.19 0.32
C GLN A 184 9.80 -17.66 -0.39
N ILE A 185 9.87 -17.79 -1.70
CA ILE A 185 8.68 -18.17 -2.45
C ILE A 185 8.48 -19.69 -2.37
N THR A 186 9.56 -20.43 -2.14
CA THR A 186 9.56 -21.87 -2.36
C THR A 186 9.56 -22.73 -1.10
N GLY A 187 10.09 -22.22 0.00
CA GLY A 187 10.30 -23.00 1.21
C GLY A 187 11.65 -23.70 1.27
N ASN A 188 12.20 -24.09 0.13
CA ASN A 188 13.46 -24.84 0.06
C ASN A 188 14.71 -24.07 -0.34
N TYR A 189 15.85 -24.55 0.13
CA TYR A 189 17.15 -24.16 -0.42
C TYR A 189 17.53 -25.10 -1.59
N TYR A 190 17.92 -24.56 -2.72
CA TYR A 190 18.33 -25.42 -3.83
C TYR A 190 19.82 -25.34 -4.15
N PRO A 191 20.50 -26.47 -4.05
CA PRO A 191 21.96 -26.54 -4.27
C PRO A 191 22.33 -26.43 -5.75
N GLU A 192 21.38 -26.84 -6.59
CA GLU A 192 21.52 -26.77 -8.04
C GLU A 192 20.18 -26.66 -8.71
N LEU A 193 20.20 -26.05 -9.88
CA LEU A 193 19.03 -25.90 -10.69
C LEU A 193 19.36 -26.40 -12.09
N ALA A 194 18.32 -26.54 -12.93
CA ALA A 194 18.50 -26.88 -14.32
C ALA A 194 18.66 -25.60 -15.13
N ALA A 195 19.85 -25.47 -15.72
CA ALA A 195 20.25 -24.29 -16.54
C ALA A 195 19.53 -24.22 -17.88
N LEU A 196 19.35 -23.02 -18.37
CA LEU A 196 18.83 -22.87 -19.70
C LEU A 196 19.79 -23.44 -20.74
N ASN A 197 19.22 -24.24 -21.63
CA ASN A 197 19.88 -24.85 -22.73
C ASN A 197 20.17 -23.75 -23.72
N VAL A 198 21.44 -23.43 -23.90
CA VAL A 198 21.81 -22.40 -24.84
C VAL A 198 22.10 -22.92 -26.25
N GLU A 199 22.47 -24.19 -26.44
CA GLU A 199 22.56 -24.63 -27.84
C GLU A 199 21.21 -24.90 -28.50
N ASN A 200 20.17 -25.21 -27.72
CA ASN A 200 18.82 -25.30 -28.27
C ASN A 200 17.97 -24.02 -28.30
N PHE A 201 18.57 -22.89 -27.93
CA PHE A 201 17.85 -21.61 -27.85
C PHE A 201 17.39 -20.97 -29.19
N LYS A 202 16.06 -20.86 -29.36
CA LYS A 202 15.45 -20.09 -30.44
C LYS A 202 14.37 -19.19 -29.86
N THR A 203 14.09 -18.08 -30.52
CA THR A 203 12.94 -17.28 -30.14
C THR A 203 11.89 -17.26 -31.27
N ASP A 204 10.63 -16.96 -30.93
CA ASP A 204 9.52 -16.92 -31.88
C ASP A 204 8.86 -15.59 -31.76
N LYS A 205 8.46 -14.96 -32.86
CA LYS A 205 7.70 -13.70 -32.78
C LYS A 205 6.39 -13.91 -32.02
N PRO A 206 5.97 -12.94 -31.24
CA PRO A 206 4.68 -13.06 -30.56
C PRO A 206 3.50 -13.06 -31.54
N GLN A 207 2.29 -13.32 -31.05
CA GLN A 207 1.07 -13.09 -31.86
C GLN A 207 0.94 -11.57 -32.08
N PRO A 208 0.25 -11.10 -33.13
CA PRO A 208 0.09 -9.67 -33.36
C PRO A 208 -0.53 -8.99 -32.17
N VAL A 209 -0.25 -7.71 -31.94
CA VAL A 209 -0.73 -7.02 -30.72
C VAL A 209 -2.26 -6.94 -30.50
N ASN A 210 -3.06 -6.80 -31.57
CA ASN A 210 -4.53 -6.83 -31.47
C ASN A 210 -5.12 -8.23 -31.15
N ALA A 211 -4.52 -9.29 -31.70
CA ALA A 211 -4.92 -10.65 -31.36
C ALA A 211 -4.81 -10.86 -29.85
N LEU A 212 -3.65 -10.48 -29.30
CA LEU A 212 -3.36 -10.50 -27.87
C LEU A 212 -4.27 -9.60 -27.04
N LEU A 213 -4.58 -8.42 -27.55
CA LEU A 213 -5.52 -7.52 -26.89
C LEU A 213 -6.93 -8.12 -26.83
N LYS A 214 -7.40 -8.67 -27.95
CA LYS A 214 -8.68 -9.38 -28.02
C LYS A 214 -8.74 -10.55 -27.03
N GLU A 215 -7.71 -11.39 -27.02
CA GLU A 215 -7.71 -12.54 -26.12
C GLU A 215 -7.79 -12.10 -24.65
N ALA A 216 -7.21 -10.94 -24.34
CA ALA A 216 -7.16 -10.41 -22.97
C ALA A 216 -8.44 -9.70 -22.51
N GLU A 217 -9.18 -9.08 -23.44
CA GLU A 217 -10.51 -8.52 -23.16
C GLU A 217 -11.45 -9.66 -22.74
N LYS A 218 -11.22 -10.82 -23.31
CA LYS A 218 -11.96 -12.03 -23.01
C LYS A 218 -11.54 -12.70 -21.68
N ARG A 219 -10.23 -12.86 -21.42
CA ARG A 219 -9.74 -13.82 -20.40
C ARG A 219 -8.96 -13.31 -19.18
N ASN A 220 -8.51 -12.05 -19.24
CA ASN A 220 -7.76 -11.43 -18.16
C ASN A 220 -8.50 -11.46 -16.83
N LEU A 221 -7.83 -11.98 -15.80
CA LEU A 221 -8.47 -12.22 -14.51
C LEU A 221 -8.66 -10.96 -13.69
N SER A 222 -7.79 -9.99 -13.89
CA SER A 222 -7.97 -8.71 -13.20
C SER A 222 -9.22 -7.99 -13.70
N LEU A 223 -9.52 -8.11 -14.99
CA LEU A 223 -10.73 -7.45 -15.48
C LEU A 223 -12.04 -8.31 -15.50
N LEU A 224 -11.93 -9.64 -15.36
CA LEU A 224 -13.08 -10.41 -14.93
C LEU A 224 -13.48 -9.86 -13.55
N GLN A 225 -12.53 -9.79 -12.62
CA GLN A 225 -12.85 -9.25 -11.31
C GLN A 225 -13.48 -7.84 -11.34
N ALA A 226 -12.93 -6.96 -12.17
CA ALA A 226 -13.45 -5.60 -12.23
C ALA A 226 -14.90 -5.60 -12.70
N ARG A 227 -15.24 -6.56 -13.57
CA ARG A 227 -16.60 -6.69 -14.15
C ARG A 227 -17.54 -7.24 -13.09
N LEU A 228 -17.10 -8.28 -12.38
CA LEU A 228 -17.83 -8.85 -11.26
C LEU A 228 -18.07 -7.82 -10.17
N SER A 229 -17.08 -6.95 -9.96
CA SER A 229 -17.15 -5.87 -8.97
C SER A 229 -18.09 -4.75 -9.43
N GLN A 230 -18.47 -4.77 -10.72
CA GLN A 230 -19.45 -3.81 -11.27
C GLN A 230 -20.89 -4.34 -11.15
N ASP A 231 -21.03 -5.65 -11.37
CA ASP A 231 -22.24 -6.38 -11.03
C ASP A 231 -22.61 -6.15 -9.56
N LEU A 232 -21.65 -6.39 -8.66
CA LEU A 232 -21.81 -6.15 -7.23
C LEU A 232 -22.31 -4.76 -6.91
N ALA A 233 -21.82 -3.73 -7.59
CA ALA A 233 -22.24 -2.38 -7.28
C ALA A 233 -23.66 -2.06 -7.75
N ARG A 234 -24.15 -2.84 -8.72
CA ARG A 234 -25.48 -2.65 -9.34
C ARG A 234 -26.55 -3.32 -8.46
N GLU A 235 -26.24 -4.55 -8.06
CA GLU A 235 -27.00 -5.26 -7.07
C GLU A 235 -27.02 -4.52 -5.73
N GLN A 236 -26.03 -3.66 -5.48
CA GLN A 236 -26.02 -2.80 -4.31
C GLN A 236 -26.98 -1.59 -4.42
N ILE A 237 -27.34 -1.19 -5.65
CA ILE A 237 -28.42 -0.21 -5.91
C ILE A 237 -29.77 -0.85 -5.58
N ARG A 238 -29.93 -2.09 -6.04
CA ARG A 238 -31.10 -2.89 -5.73
C ARG A 238 -31.33 -3.11 -4.21
N GLN A 239 -30.28 -3.40 -3.45
CA GLN A 239 -30.38 -3.54 -2.00
C GLN A 239 -30.81 -2.25 -1.32
N ALA A 240 -30.38 -1.13 -1.87
CA ALA A 240 -30.78 0.18 -1.39
C ALA A 240 -32.27 0.39 -1.65
N GLN A 241 -32.71 0.01 -2.85
CA GLN A 241 -34.10 0.18 -3.33
C GLN A 241 -35.12 -0.61 -2.50
N ASP A 242 -34.66 -1.70 -1.90
CA ASP A 242 -35.43 -2.53 -1.01
C ASP A 242 -35.94 -1.89 0.29
N GLY A 243 -35.31 -0.82 0.75
CA GLY A 243 -35.76 -0.17 1.98
C GLY A 243 -37.14 0.45 1.83
N HIS A 244 -37.59 0.57 0.57
CA HIS A 244 -38.92 1.04 0.19
C HIS A 244 -40.01 -0.02 0.36
N LEU A 245 -39.65 -1.28 0.08
CA LEU A 245 -40.59 -2.39 0.06
C LEU A 245 -41.22 -2.76 1.45
N PRO A 246 -42.46 -3.30 1.45
CA PRO A 246 -43.05 -3.87 2.66
C PRO A 246 -42.50 -5.25 3.08
N THR A 247 -42.40 -5.51 4.39
CA THR A 247 -42.01 -6.83 4.92
C THR A 247 -43.16 -7.66 5.61
N LEU A 248 -43.22 -8.95 5.27
CA LEU A 248 -44.26 -9.90 5.75
C LEU A 248 -43.66 -11.07 6.53
N ASP A 249 -43.69 -10.98 7.86
CA ASP A 249 -43.12 -12.04 8.72
C ASP A 249 -44.17 -12.99 9.36
N LEU A 250 -43.71 -13.98 10.11
CA LEU A 250 -44.56 -14.98 10.79
C LEU A 250 -44.01 -15.27 12.20
N THR A 251 -44.87 -15.21 13.21
CA THR A 251 -44.45 -15.58 14.57
C THR A 251 -45.14 -16.88 15.00
N ALA A 252 -44.57 -17.54 16.00
CA ALA A 252 -45.13 -18.75 16.58
C ALA A 252 -44.56 -18.86 17.97
N SER A 253 -45.40 -19.21 18.94
CA SER A 253 -44.91 -19.53 20.27
C SER A 253 -45.80 -20.55 21.01
N THR A 254 -45.26 -21.06 22.12
CA THR A 254 -45.98 -21.92 23.02
C THR A 254 -45.41 -21.67 24.42
N GLY A 255 -46.04 -20.74 25.14
CA GLY A 255 -45.60 -20.29 26.46
C GLY A 255 -46.51 -20.53 27.66
N ILE A 256 -45.91 -21.01 28.75
CA ILE A 256 -46.54 -21.10 30.08
C ILE A 256 -46.26 -19.85 30.93
N SER A 257 -47.11 -19.57 31.92
CA SER A 257 -46.92 -18.42 32.81
C SER A 257 -47.65 -18.58 34.16
N ASP A 258 -46.90 -18.80 35.24
CA ASP A 258 -47.50 -18.89 36.58
C ASP A 258 -48.00 -17.55 37.13
N THR A 259 -47.46 -17.02 38.22
CA THR A 259 -48.01 -15.85 38.97
C THR A 259 -48.80 -16.24 40.23
N SER A 260 -48.23 -15.94 41.38
CA SER A 260 -48.91 -16.02 42.67
C SER A 260 -48.87 -14.63 43.29
N TYR A 261 -50.01 -14.10 43.71
CA TYR A 261 -50.05 -12.84 44.47
C TYR A 261 -50.02 -13.07 46.00
N SER A 262 -49.73 -12.02 46.78
CA SER A 262 -49.66 -12.12 48.24
C SER A 262 -49.45 -10.76 48.92
N GLY A 263 -49.42 -10.76 50.26
CA GLY A 263 -49.45 -9.53 51.06
C GLY A 263 -50.86 -9.04 51.49
N SER A 264 -50.94 -7.77 51.88
CA SER A 264 -52.15 -7.22 52.52
C SER A 264 -53.39 -6.86 51.63
N LYS A 265 -53.27 -6.07 50.55
CA LYS A 265 -54.45 -5.77 49.71
C LYS A 265 -54.73 -6.80 48.56
N THR A 266 -54.65 -8.11 48.88
CA THR A 266 -54.80 -9.22 47.90
C THR A 266 -56.18 -9.88 47.78
N ARG A 267 -56.96 -9.89 48.88
CA ARG A 267 -58.37 -10.35 48.85
C ARG A 267 -59.33 -9.16 49.16
N GLY A 268 -60.58 -9.44 49.52
CA GLY A 268 -61.57 -8.43 49.88
C GLY A 268 -61.60 -7.09 49.13
N ALA A 269 -62.52 -6.97 48.16
CA ALA A 269 -62.68 -5.83 47.21
C ALA A 269 -61.79 -5.93 45.94
N ALA A 270 -61.10 -7.06 45.80
CA ALA A 270 -60.34 -7.40 44.59
C ALA A 270 -61.24 -8.12 43.58
N GLY A 271 -61.71 -9.33 43.93
CA GLY A 271 -62.68 -10.08 43.12
C GLY A 271 -62.11 -10.83 41.92
N THR A 272 -61.39 -11.93 42.17
CA THR A 272 -60.82 -12.84 41.15
C THR A 272 -59.53 -12.35 40.47
N GLN A 273 -59.35 -11.03 40.39
CA GLN A 273 -58.23 -10.40 39.68
C GLN A 273 -56.82 -10.63 40.28
N TYR A 274 -56.74 -10.95 41.58
CA TYR A 274 -55.43 -11.30 42.17
C TYR A 274 -55.37 -12.72 42.75
N ASP A 275 -56.01 -13.68 42.07
CA ASP A 275 -55.98 -15.09 42.49
C ASP A 275 -54.63 -15.76 42.15
N ASP A 276 -54.70 -16.96 41.59
CA ASP A 276 -53.56 -17.59 40.94
C ASP A 276 -53.99 -17.89 39.53
N SER A 277 -53.49 -17.12 38.55
CA SER A 277 -53.55 -17.59 37.15
C SER A 277 -52.37 -18.51 36.86
N ASN A 278 -52.61 -19.52 36.05
CA ASN A 278 -51.57 -20.40 35.54
C ASN A 278 -51.80 -20.54 34.05
N MET A 279 -51.55 -19.43 33.33
CA MET A 279 -51.87 -19.30 31.91
C MET A 279 -51.12 -20.26 30.96
N GLY A 280 -51.57 -20.28 29.71
CA GLY A 280 -51.03 -21.17 28.70
C GLY A 280 -51.47 -20.66 27.34
N GLN A 281 -50.50 -20.51 26.42
CA GLN A 281 -50.76 -19.90 25.10
C GLN A 281 -50.08 -20.63 23.94
N ASN A 282 -50.79 -20.73 22.83
CA ASN A 282 -50.26 -21.16 21.56
C ASN A 282 -50.60 -20.06 20.54
N LYS A 283 -49.59 -19.42 19.94
CA LYS A 283 -49.83 -18.37 18.94
C LYS A 283 -49.31 -18.72 17.51
N VAL A 284 -49.93 -18.13 16.50
CA VAL A 284 -49.35 -18.02 15.15
C VAL A 284 -49.81 -16.65 14.60
N GLY A 285 -48.85 -15.73 14.40
CA GLY A 285 -49.15 -14.39 13.91
C GLY A 285 -48.46 -14.02 12.60
N LEU A 286 -49.03 -13.05 11.88
CA LEU A 286 -48.38 -12.53 10.68
C LEU A 286 -48.18 -11.02 10.84
N SER A 287 -46.92 -10.58 10.89
CA SER A 287 -46.55 -9.16 10.91
C SER A 287 -46.44 -8.55 9.48
N PHE A 288 -46.72 -7.25 9.37
CA PHE A 288 -46.64 -6.53 8.10
C PHE A 288 -46.06 -5.12 8.36
N SER A 289 -44.99 -4.76 7.63
CA SER A 289 -44.35 -3.44 7.76
C SER A 289 -44.14 -2.74 6.41
N LEU A 290 -44.67 -1.51 6.29
CA LEU A 290 -44.48 -0.66 5.12
C LEU A 290 -43.90 0.68 5.56
N PRO A 291 -42.66 0.94 5.16
CA PRO A 291 -41.97 2.22 5.42
C PRO A 291 -42.68 3.59 5.13
N ILE A 292 -43.14 3.90 3.91
CA ILE A 292 -43.71 5.23 3.59
C ILE A 292 -42.72 6.43 3.64
N TYR A 293 -42.11 6.71 4.80
CA TYR A 293 -41.20 7.87 4.96
C TYR A 293 -40.26 7.83 6.19
N GLN A 294 -38.94 7.77 5.92
CA GLN A 294 -37.92 7.74 6.98
C GLN A 294 -36.92 8.92 6.94
N GLY A 295 -37.38 10.04 6.43
CA GLY A 295 -36.56 11.26 6.35
C GLY A 295 -35.79 11.42 5.06
N GLY A 296 -36.10 10.59 4.06
CA GLY A 296 -35.33 10.51 2.85
C GLY A 296 -34.09 9.66 3.03
N MET A 297 -34.06 8.82 4.07
CA MET A 297 -32.97 7.88 4.33
C MET A 297 -32.76 6.96 3.14
N VAL A 298 -33.75 6.14 2.85
CA VAL A 298 -33.78 5.47 1.56
C VAL A 298 -33.90 6.64 0.58
N ASN A 299 -33.44 6.46 -0.67
CA ASN A 299 -33.42 7.53 -1.68
C ASN A 299 -32.01 8.04 -1.78
N SER A 300 -31.53 8.62 -0.68
CA SER A 300 -30.16 9.08 -0.50
C SER A 300 -29.23 7.86 -0.41
N GLN A 301 -29.71 6.80 0.24
CA GLN A 301 -29.02 5.53 0.28
C GLN A 301 -28.94 4.98 -1.14
N VAL A 302 -29.94 5.29 -1.96
CA VAL A 302 -30.05 4.81 -3.36
C VAL A 302 -29.13 5.65 -4.26
N LYS A 303 -29.13 6.96 -4.04
CA LYS A 303 -28.28 7.89 -4.78
C LYS A 303 -26.79 7.64 -4.50
N GLN A 304 -26.43 7.42 -3.22
CA GLN A 304 -25.12 6.92 -2.83
C GLN A 304 -24.70 5.67 -3.59
N ALA A 305 -25.60 4.69 -3.65
CA ALA A 305 -25.33 3.45 -4.33
C ALA A 305 -25.26 3.60 -5.87
N GLN A 306 -25.83 4.69 -6.40
CA GLN A 306 -25.80 4.94 -7.82
C GLN A 306 -24.43 5.51 -8.24
N TYR A 307 -23.93 6.44 -7.41
CA TYR A 307 -22.60 7.04 -7.52
C TYR A 307 -21.48 6.01 -7.32
N ASN A 308 -21.65 5.15 -6.31
CA ASN A 308 -20.80 3.99 -6.10
C ASN A 308 -20.77 3.12 -7.34
N PHE A 309 -21.84 3.15 -8.13
CA PHE A 309 -21.96 2.35 -9.33
C PHE A 309 -21.13 2.92 -10.48
N VAL A 310 -21.19 4.25 -10.66
CA VAL A 310 -20.35 4.92 -11.64
C VAL A 310 -18.88 4.74 -11.22
N GLY A 311 -18.61 4.86 -9.92
CA GLY A 311 -17.29 4.56 -9.34
C GLY A 311 -16.70 3.23 -9.77
N ALA A 312 -17.49 2.16 -9.61
CA ALA A 312 -17.08 0.82 -10.01
C ALA A 312 -17.00 0.66 -11.56
N SER A 313 -17.66 1.57 -12.26
CA SER A 313 -17.63 1.60 -13.72
C SER A 313 -16.32 2.26 -14.24
N GLU A 314 -15.84 3.22 -13.46
CA GLU A 314 -14.55 3.82 -13.67
C GLU A 314 -13.41 2.86 -13.31
N GLN A 315 -13.54 2.09 -12.24
CA GLN A 315 -12.53 1.10 -11.84
C GLN A 315 -12.41 0.01 -12.91
N LEU A 316 -13.44 -0.11 -13.75
CA LEU A 316 -13.50 -1.07 -14.86
C LEU A 316 -12.77 -0.49 -16.09
N GLU A 317 -12.97 0.80 -16.33
CA GLU A 317 -12.20 1.54 -17.31
C GLU A 317 -10.70 1.67 -16.88
N SER A 318 -10.43 1.70 -15.56
CA SER A 318 -9.07 1.68 -15.03
C SER A 318 -8.40 0.34 -15.27
N ALA A 319 -9.13 -0.75 -15.07
CA ALA A 319 -8.55 -2.08 -15.16
C ALA A 319 -8.32 -2.49 -16.60
N HIS A 320 -9.03 -1.83 -17.50
CA HIS A 320 -8.95 -2.05 -18.92
C HIS A 320 -7.66 -1.39 -19.44
N ARG A 321 -7.52 -0.09 -19.18
CA ARG A 321 -6.30 0.64 -19.50
C ARG A 321 -5.07 -0.08 -18.95
N SER A 322 -5.22 -0.66 -17.76
CA SER A 322 -4.12 -1.29 -17.07
C SER A 322 -3.68 -2.53 -17.82
N VAL A 323 -4.64 -3.18 -18.47
CA VAL A 323 -4.36 -4.41 -19.20
C VAL A 323 -3.94 -4.11 -20.63
N VAL A 324 -4.46 -3.02 -21.19
CA VAL A 324 -3.94 -2.45 -22.43
C VAL A 324 -2.43 -2.19 -22.30
N GLN A 325 -2.03 -1.59 -21.19
CA GLN A 325 -0.64 -1.28 -20.94
C GLN A 325 0.22 -2.54 -20.76
N THR A 326 -0.24 -3.50 -19.94
CA THR A 326 0.54 -4.70 -19.65
C THR A 326 0.74 -5.52 -20.89
N VAL A 327 -0.25 -5.51 -21.79
CA VAL A 327 -0.12 -6.38 -22.97
C VAL A 327 0.71 -5.70 -24.07
N ARG A 328 0.45 -4.44 -24.28
CA ARG A 328 1.16 -3.67 -25.26
C ARG A 328 2.66 -3.45 -24.89
N SER A 329 2.93 -3.20 -23.62
CA SER A 329 4.30 -3.07 -23.16
C SER A 329 5.02 -4.43 -23.04
N SER A 330 4.26 -5.50 -22.90
CA SER A 330 4.82 -6.85 -22.93
C SER A 330 5.19 -7.26 -24.35
N PHE A 331 4.36 -6.83 -25.28
CA PHE A 331 4.53 -7.08 -26.71
C PHE A 331 5.81 -6.41 -27.18
N ASN A 332 5.95 -5.17 -26.73
CA ASN A 332 7.08 -4.35 -27.05
C ASN A 332 8.38 -4.94 -26.46
N ASN A 333 8.29 -5.42 -25.20
CA ASN A 333 9.45 -5.95 -24.47
C ASN A 333 9.95 -7.21 -25.12
N ILE A 334 9.03 -8.04 -25.64
CA ILE A 334 9.39 -9.31 -26.27
C ILE A 334 10.12 -9.03 -27.56
N ASN A 335 9.59 -8.09 -28.31
CA ASN A 335 10.13 -7.74 -29.59
C ASN A 335 11.57 -7.27 -29.44
N ALA A 336 11.70 -6.36 -28.46
CA ALA A 336 12.92 -5.70 -28.07
C ALA A 336 13.95 -6.72 -27.57
N SER A 337 13.48 -7.69 -26.78
CA SER A 337 14.31 -8.80 -26.32
C SER A 337 14.90 -9.63 -27.44
N ILE A 338 14.10 -9.89 -28.48
CA ILE A 338 14.54 -10.67 -29.64
C ILE A 338 15.61 -9.85 -30.27
N SER A 339 15.29 -8.57 -30.45
CA SER A 339 16.13 -7.58 -31.07
C SER A 339 17.49 -7.41 -30.30
N SER A 340 17.40 -7.41 -28.98
CA SER A 340 18.57 -7.43 -28.13
C SER A 340 19.41 -8.68 -28.31
N ILE A 341 18.77 -9.87 -28.29
CA ILE A 341 19.47 -11.15 -28.44
C ILE A 341 20.34 -11.13 -29.71
N ASN A 342 19.73 -10.74 -30.81
CA ASN A 342 20.43 -10.68 -32.08
C ASN A 342 21.57 -9.67 -32.03
N ALA A 343 21.32 -8.53 -31.35
CA ALA A 343 22.27 -7.40 -31.25
C ALA A 343 23.54 -7.74 -30.45
N TYR A 344 23.30 -8.39 -29.31
CA TYR A 344 24.37 -8.85 -28.44
C TYR A 344 25.13 -10.13 -28.97
N LYS A 345 24.47 -10.97 -29.78
CA LYS A 345 25.16 -12.06 -30.45
C LYS A 345 26.22 -11.50 -31.40
N GLN A 346 25.79 -10.58 -32.25
CA GLN A 346 26.65 -9.81 -33.12
C GLN A 346 27.81 -9.19 -32.30
N ALA A 347 27.44 -8.53 -31.20
CA ALA A 347 28.35 -7.85 -30.24
C ALA A 347 29.51 -8.70 -29.71
N VAL A 348 29.18 -9.85 -29.16
CA VAL A 348 30.16 -10.88 -28.79
C VAL A 348 31.17 -11.21 -29.92
N VAL A 349 30.69 -11.37 -31.16
CA VAL A 349 31.59 -11.72 -32.24
C VAL A 349 32.55 -10.56 -32.53
N SER A 350 32.00 -9.36 -32.74
CA SER A 350 32.78 -8.17 -32.99
C SER A 350 33.76 -7.88 -31.87
N ALA A 351 33.28 -8.05 -30.63
CA ALA A 351 34.10 -7.82 -29.43
C ALA A 351 35.32 -8.74 -29.28
N GLN A 352 35.19 -9.97 -29.74
CA GLN A 352 36.23 -10.95 -29.67
C GLN A 352 37.24 -10.65 -30.77
N SER A 353 36.73 -10.14 -31.86
CA SER A 353 37.53 -9.91 -33.05
C SER A 353 38.35 -8.61 -32.77
N SER A 354 37.71 -7.67 -32.07
CA SER A 354 38.36 -6.50 -31.49
C SER A 354 39.45 -6.85 -30.45
N LEU A 355 39.16 -7.79 -29.58
CA LEU A 355 40.11 -8.24 -28.60
C LEU A 355 41.31 -8.82 -29.31
N ASP A 356 41.10 -9.76 -30.26
CA ASP A 356 42.17 -10.33 -31.08
C ASP A 356 42.96 -9.23 -31.80
N ALA A 357 42.29 -8.20 -32.29
CA ALA A 357 42.98 -7.07 -32.92
C ALA A 357 43.83 -6.25 -31.94
N MET A 358 43.34 -6.13 -30.70
CA MET A 358 44.10 -5.38 -29.68
C MET A 358 45.39 -6.09 -29.42
N GLU A 359 45.33 -7.42 -29.30
CA GLU A 359 46.51 -8.19 -28.91
C GLU A 359 47.54 -8.14 -30.01
N ALA A 360 47.07 -8.15 -31.24
CA ALA A 360 47.92 -8.04 -32.41
C ALA A 360 48.65 -6.70 -32.32
N GLY A 361 47.91 -5.61 -32.26
CA GLY A 361 48.48 -4.27 -32.16
C GLY A 361 49.41 -4.01 -30.97
N TYR A 362 49.05 -4.54 -29.81
CA TYR A 362 49.94 -4.59 -28.67
C TYR A 362 51.37 -5.11 -28.98
N SER A 363 51.47 -6.20 -29.73
CA SER A 363 52.76 -6.79 -30.01
C SER A 363 53.60 -6.10 -31.10
N VAL A 364 53.00 -5.18 -31.85
CA VAL A 364 53.69 -4.33 -32.84
C VAL A 364 53.76 -2.85 -32.40
N GLY A 365 53.27 -2.52 -31.22
CA GLY A 365 53.30 -1.15 -30.71
C GLY A 365 52.16 -0.16 -31.06
N THR A 366 51.12 -0.60 -31.71
CA THR A 366 50.10 0.39 -32.01
C THR A 366 48.87 0.39 -31.06
N ARG A 367 48.85 -0.51 -30.08
CA ARG A 367 47.92 -0.53 -28.98
C ARG A 367 48.70 -0.82 -27.68
N THR A 368 48.10 -0.58 -26.50
CA THR A 368 48.77 -0.86 -25.24
C THR A 368 48.10 -2.03 -24.58
N ILE A 369 48.69 -2.49 -23.48
CA ILE A 369 48.05 -3.41 -22.55
C ILE A 369 46.67 -2.89 -22.10
N VAL A 370 46.53 -1.55 -22.01
CA VAL A 370 45.30 -0.94 -21.54
C VAL A 370 44.15 -1.26 -22.52
N ASP A 371 44.47 -1.08 -23.80
CA ASP A 371 43.57 -1.46 -24.89
C ASP A 371 43.16 -2.93 -24.79
N VAL A 372 44.13 -3.85 -24.61
CA VAL A 372 43.88 -5.30 -24.47
C VAL A 372 42.92 -5.59 -23.31
N LEU A 373 43.15 -5.01 -22.13
CA LEU A 373 42.32 -5.27 -20.96
C LEU A 373 40.94 -4.66 -21.16
N ASP A 374 40.83 -3.52 -21.85
CA ASP A 374 39.53 -2.94 -22.17
C ASP A 374 38.69 -3.84 -23.11
N ALA A 375 39.34 -4.46 -24.08
CA ALA A 375 38.68 -5.29 -25.06
C ALA A 375 38.20 -6.58 -24.40
N THR A 376 38.94 -7.02 -23.38
CA THR A 376 38.57 -8.10 -22.51
C THR A 376 37.32 -7.77 -21.70
N THR A 377 37.25 -6.55 -21.18
CA THR A 377 36.06 -6.10 -20.51
C THR A 377 34.83 -6.00 -21.45
N THR A 378 34.96 -5.30 -22.57
CA THR A 378 33.90 -5.22 -23.58
C THR A 378 33.31 -6.61 -23.93
N LEU A 379 34.18 -7.56 -24.22
CA LEU A 379 33.82 -8.92 -24.53
C LEU A 379 32.90 -9.58 -23.50
N TYR A 380 33.35 -9.62 -22.27
CA TYR A 380 32.59 -10.15 -21.16
C TYR A 380 31.34 -9.30 -20.83
N ASN A 381 31.35 -7.99 -21.03
CA ASN A 381 30.10 -7.26 -20.83
C ASN A 381 29.03 -7.66 -21.86
N ALA A 382 29.46 -7.84 -23.09
CA ALA A 382 28.61 -8.25 -24.21
C ALA A 382 27.99 -9.63 -23.95
N LYS A 383 28.76 -10.53 -23.35
CA LYS A 383 28.35 -11.89 -23.12
C LYS A 383 27.26 -11.87 -22.10
N GLN A 384 27.45 -11.04 -21.08
CA GLN A 384 26.56 -10.92 -19.94
C GLN A 384 25.27 -10.34 -20.42
N GLU A 385 25.38 -9.27 -21.20
CA GLU A 385 24.25 -8.67 -21.89
C GLU A 385 23.42 -9.73 -22.66
N LEU A 386 24.10 -10.61 -23.40
CA LEU A 386 23.45 -11.63 -24.22
C LEU A 386 22.64 -12.56 -23.36
N ALA A 387 23.29 -13.11 -22.32
CA ALA A 387 22.64 -14.01 -21.39
C ALA A 387 21.46 -13.30 -20.73
N ASN A 388 21.64 -12.06 -20.29
CA ASN A 388 20.56 -11.29 -19.65
C ASN A 388 19.32 -11.14 -20.55
N ALA A 389 19.52 -10.99 -21.85
CA ALA A 389 18.40 -10.79 -22.80
C ALA A 389 17.52 -12.04 -22.98
N ARG A 390 18.16 -13.22 -22.90
CA ARG A 390 17.46 -14.47 -23.10
C ARG A 390 16.53 -14.71 -21.92
N TYR A 391 17.04 -14.42 -20.73
CA TYR A 391 16.21 -14.46 -19.53
C TYR A 391 15.09 -13.42 -19.61
N ASN A 392 15.39 -12.20 -20.05
CA ASN A 392 14.33 -11.22 -20.23
C ASN A 392 13.28 -11.66 -21.23
N TYR A 393 13.70 -12.31 -22.30
CA TYR A 393 12.77 -12.82 -23.32
C TYR A 393 11.73 -13.78 -22.68
N LEU A 394 12.21 -14.79 -21.96
CA LEU A 394 11.38 -15.78 -21.31
C LEU A 394 10.49 -15.21 -20.20
N ILE A 395 10.98 -14.23 -19.43
CA ILE A 395 10.19 -13.60 -18.39
C ILE A 395 9.04 -12.85 -19.01
N ASN A 396 9.25 -12.36 -20.22
CA ASN A 396 8.28 -11.54 -20.92
C ASN A 396 7.25 -12.42 -21.61
N GLN A 397 7.64 -13.66 -21.90
CA GLN A 397 6.70 -14.69 -22.34
C GLN A 397 5.70 -14.97 -21.24
N LEU A 398 6.21 -15.10 -20.02
CA LEU A 398 5.40 -15.30 -18.85
C LEU A 398 4.53 -14.08 -18.49
N ASN A 399 5.02 -12.86 -18.71
CA ASN A 399 4.25 -11.66 -18.36
C ASN A 399 3.10 -11.50 -19.31
N ILE A 400 3.28 -11.99 -20.53
CA ILE A 400 2.27 -11.90 -21.58
C ILE A 400 1.10 -12.87 -21.37
N LYS A 401 1.44 -14.12 -21.04
CA LYS A 401 0.48 -15.14 -20.67
C LYS A 401 -0.28 -14.69 -19.42
N SER A 402 0.45 -14.14 -18.46
CA SER A 402 -0.14 -13.51 -17.29
C SER A 402 -1.17 -12.48 -17.70
N ALA A 403 -0.79 -11.55 -18.58
CA ALA A 403 -1.73 -10.50 -18.98
C ALA A 403 -2.90 -11.06 -19.81
N LEU A 404 -2.68 -12.20 -20.44
CA LEU A 404 -3.76 -12.92 -21.14
C LEU A 404 -4.82 -13.52 -20.16
N GLY A 405 -4.39 -14.06 -19.02
CA GLY A 405 -5.29 -14.70 -18.08
C GLY A 405 -5.06 -16.20 -18.04
N THR A 406 -4.29 -16.69 -19.00
CA THR A 406 -4.15 -18.10 -19.30
C THR A 406 -2.88 -18.80 -18.78
N LEU A 407 -2.18 -18.20 -17.83
CA LEU A 407 -0.88 -18.73 -17.43
C LEU A 407 -1.04 -19.95 -16.51
N ASN A 408 -0.56 -21.11 -16.94
CA ASN A 408 -0.78 -22.34 -16.18
C ASN A 408 0.41 -23.28 -16.22
N GLU A 409 0.19 -24.48 -15.68
CA GLU A 409 1.22 -25.50 -15.63
C GLU A 409 1.65 -26.02 -17.00
N GLN A 410 0.79 -25.88 -18.01
CA GLN A 410 1.17 -26.29 -19.37
C GLN A 410 2.30 -25.38 -19.86
N ASP A 411 2.15 -24.07 -19.57
CA ASP A 411 3.10 -23.02 -19.94
C ASP A 411 4.45 -23.24 -19.25
N LEU A 412 4.40 -23.73 -18.03
CA LEU A 412 5.61 -24.06 -17.28
C LEU A 412 6.31 -25.32 -17.74
N LEU A 413 5.53 -26.25 -18.31
CA LEU A 413 6.04 -27.49 -18.87
C LEU A 413 6.89 -27.10 -20.07
N ALA A 414 6.37 -26.20 -20.91
CA ALA A 414 7.05 -25.74 -22.11
C ALA A 414 8.44 -25.17 -21.81
N LEU A 415 8.48 -24.26 -20.83
CA LEU A 415 9.72 -23.65 -20.30
C LEU A 415 10.69 -24.68 -19.74
N ASN A 416 10.14 -25.66 -19.03
CA ASN A 416 10.96 -26.75 -18.49
C ASN A 416 11.60 -27.63 -19.59
N ASN A 417 11.03 -27.59 -20.79
CA ASN A 417 11.55 -28.36 -21.93
C ASN A 417 12.71 -27.67 -22.59
N ALA A 418 12.98 -26.43 -22.18
CA ALA A 418 14.10 -25.64 -22.69
C ALA A 418 15.28 -25.62 -21.71
N LEU A 419 15.23 -26.48 -20.71
CA LEU A 419 16.29 -26.58 -19.70
C LEU A 419 17.04 -27.88 -19.90
N SER A 420 18.18 -28.03 -19.25
CA SER A 420 18.88 -29.31 -19.32
C SER A 420 19.86 -29.50 -18.17
N LYS A 421 21.15 -29.25 -18.40
CA LYS A 421 22.19 -29.70 -17.47
C LYS A 421 22.14 -28.99 -16.11
N PRO A 422 22.49 -29.72 -15.04
CA PRO A 422 22.64 -29.14 -13.69
C PRO A 422 23.76 -28.07 -13.59
N VAL A 423 23.47 -26.99 -12.86
CA VAL A 423 24.46 -25.95 -12.56
C VAL A 423 24.33 -25.56 -11.10
N SER A 424 25.46 -25.39 -10.41
CA SER A 424 25.44 -25.13 -8.97
C SER A 424 25.12 -23.65 -8.58
N THR A 425 24.35 -23.47 -7.50
CA THR A 425 23.98 -22.16 -6.99
C THR A 425 24.95 -21.73 -5.90
N ASN A 426 25.96 -22.55 -5.68
CA ASN A 426 27.00 -22.20 -4.73
C ASN A 426 28.37 -22.73 -5.10
N PRO A 427 28.97 -22.25 -6.21
CA PRO A 427 30.26 -22.80 -6.65
C PRO A 427 31.45 -22.16 -5.92
N GLU A 428 32.66 -22.47 -6.36
CA GLU A 428 33.79 -21.52 -6.27
C GLU A 428 34.51 -21.48 -7.63
N GLU B 1 24.23 16.87 16.88
CA GLU B 1 25.36 16.57 15.92
C GLU B 1 25.87 15.10 15.87
N ASN B 2 26.13 14.44 16.99
CA ASN B 2 26.46 13.02 16.86
C ASN B 2 25.20 12.15 16.75
N LEU B 3 25.32 10.84 16.62
CA LEU B 3 24.15 10.04 16.28
C LEU B 3 23.24 9.79 17.47
N MET B 4 23.85 9.57 18.62
CA MET B 4 23.13 9.54 19.87
C MET B 4 22.30 10.85 20.02
N GLN B 5 22.93 12.00 19.79
CA GLN B 5 22.26 13.31 19.86
C GLN B 5 21.09 13.47 18.87
N VAL B 6 21.27 12.90 17.69
CA VAL B 6 20.32 13.02 16.60
C VAL B 6 19.12 12.11 16.88
N TYR B 7 19.36 10.93 17.40
CA TYR B 7 18.26 10.06 17.79
C TYR B 7 17.48 10.53 19.06
N GLN B 8 18.19 11.09 20.05
CA GLN B 8 17.59 11.68 21.26
C GLN B 8 16.54 12.76 20.91
N GLN B 9 16.90 13.67 20.01
CA GLN B 9 16.00 14.72 19.51
C GLN B 9 14.87 14.13 18.68
N ALA B 10 15.12 12.98 18.06
CA ALA B 10 14.13 12.37 17.19
C ALA B 10 13.12 11.55 17.98
N ARG B 11 13.56 10.86 19.04
CA ARG B 11 12.66 10.13 19.95
C ARG B 11 11.60 11.02 20.62
N LEU B 12 11.96 12.23 21.07
CA LEU B 12 10.94 13.08 21.71
C LEU B 12 9.85 13.66 20.76
N SER B 13 10.19 13.91 19.49
CA SER B 13 9.27 14.60 18.59
C SER B 13 8.78 13.88 17.31
N ASN B 14 9.23 12.65 17.04
CA ASN B 14 8.81 11.97 15.82
C ASN B 14 7.31 11.63 15.72
N PRO B 15 6.67 12.15 14.69
CA PRO B 15 5.23 11.98 14.49
C PRO B 15 4.77 10.55 14.18
N GLU B 16 5.49 9.78 13.38
CA GLU B 16 5.07 8.43 13.10
C GLU B 16 5.11 7.52 14.36
N LEU B 17 6.02 7.80 15.28
CA LEU B 17 6.14 7.03 16.53
C LEU B 17 5.10 7.44 17.57
N ARG B 18 4.84 8.74 17.67
CA ARG B 18 3.89 9.30 18.62
C ARG B 18 2.43 9.02 18.28
N LYS B 19 2.13 8.84 16.99
CA LYS B 19 0.82 8.30 16.56
C LYS B 19 0.68 6.84 16.93
N SER B 20 1.71 6.05 16.70
CA SER B 20 1.67 4.66 17.06
C SER B 20 1.36 4.53 18.55
N ALA B 21 1.95 5.40 19.38
CA ALA B 21 1.78 5.41 20.83
C ALA B 21 0.34 5.76 21.19
N ALA B 22 -0.27 6.62 20.37
CA ALA B 22 -1.67 6.92 20.51
C ALA B 22 -2.59 5.74 20.10
N ASP B 23 -2.22 4.98 19.07
CA ASP B 23 -2.92 3.75 18.69
C ASP B 23 -2.89 2.73 19.81
N ARG B 24 -1.76 2.62 20.51
CA ARG B 24 -1.52 1.66 21.59
C ARG B 24 -2.35 2.03 22.82
N ASP B 25 -2.29 3.30 23.17
CA ASP B 25 -3.07 3.89 24.24
C ASP B 25 -4.58 3.76 24.05
N ALA B 26 -5.05 3.93 22.82
CA ALA B 26 -6.46 3.76 22.49
C ALA B 26 -6.86 2.30 22.62
N ALA B 27 -6.05 1.37 22.13
CA ALA B 27 -6.39 -0.04 22.26
C ALA B 27 -6.36 -0.54 23.70
N PHE B 28 -5.53 0.05 24.55
CA PHE B 28 -5.43 -0.33 25.95
C PHE B 28 -6.64 0.19 26.75
N GLU B 29 -6.99 1.46 26.55
CA GLU B 29 -8.18 2.04 27.18
C GLU B 29 -9.47 1.36 26.72
N LYS B 30 -9.56 1.00 25.44
CA LYS B 30 -10.72 0.25 24.93
C LYS B 30 -10.91 -1.06 25.67
N ILE B 31 -9.96 -1.43 26.53
CA ILE B 31 -10.13 -2.60 27.39
C ILE B 31 -11.26 -2.31 28.37
N ASN B 32 -11.30 -1.08 28.88
CA ASN B 32 -12.40 -0.64 29.72
C ASN B 32 -13.79 -0.68 29.09
N GLU B 33 -13.88 -0.27 27.83
CA GLU B 33 -15.14 -0.26 27.10
C GLU B 33 -15.57 -1.69 26.73
N ALA B 34 -14.66 -2.65 26.85
CA ALA B 34 -15.00 -4.06 26.64
C ALA B 34 -15.41 -4.79 27.95
N ARG B 35 -15.04 -4.20 29.09
CA ARG B 35 -15.43 -4.67 30.40
C ARG B 35 -16.80 -4.14 30.74
N SER B 36 -17.06 -2.90 30.34
CA SER B 36 -18.29 -2.19 30.70
C SER B 36 -19.64 -2.94 30.61
N PRO B 37 -19.88 -3.82 29.60
CA PRO B 37 -21.13 -4.60 29.54
C PRO B 37 -21.25 -5.70 30.62
N LEU B 38 -20.19 -5.96 31.36
CA LEU B 38 -20.21 -6.96 32.41
C LEU B 38 -20.42 -6.31 33.77
N LEU B 39 -20.66 -5.00 33.73
CA LEU B 39 -20.85 -4.19 34.92
C LEU B 39 -22.31 -3.63 34.93
N PRO B 40 -22.82 -3.18 36.10
CA PRO B 40 -24.13 -2.53 36.20
C PRO B 40 -24.51 -1.48 35.10
N GLN B 41 -25.62 -1.72 34.38
CA GLN B 41 -26.23 -0.73 33.48
C GLN B 41 -27.45 -0.05 34.15
N LEU B 42 -27.49 1.27 34.15
CA LEU B 42 -28.44 2.00 34.98
C LEU B 42 -29.00 3.24 34.29
N GLY B 43 -30.19 3.11 33.67
CA GLY B 43 -30.87 4.21 33.01
C GLY B 43 -32.17 4.69 33.66
N LEU B 44 -32.50 5.97 33.45
CA LEU B 44 -33.76 6.56 33.91
C LEU B 44 -34.72 6.84 32.74
N GLY B 45 -35.77 6.02 32.59
CA GLY B 45 -36.86 6.31 31.64
C GLY B 45 -37.96 7.16 32.29
N ALA B 46 -38.78 7.86 31.48
CA ALA B 46 -39.81 8.79 32.00
C ALA B 46 -40.75 9.43 30.96
N ASP B 47 -41.88 8.78 30.65
CA ASP B 47 -42.83 9.28 29.64
C ASP B 47 -44.08 10.06 30.10
N TYR B 48 -44.79 10.57 29.10
CA TYR B 48 -46.12 11.15 29.23
C TYR B 48 -46.92 10.81 27.97
N THR B 49 -47.91 9.94 28.11
CA THR B 49 -48.77 9.47 27.01
C THR B 49 -50.20 10.11 27.10
N TYR B 50 -50.79 10.53 25.97
CA TYR B 50 -52.21 10.94 25.91
C TYR B 50 -52.98 10.14 24.84
N SER B 51 -53.85 9.26 25.30
CA SER B 51 -54.69 8.44 24.43
C SER B 51 -56.02 9.10 24.10
N ASN B 52 -56.62 8.69 22.99
CA ASN B 52 -57.94 9.15 22.57
C ASN B 52 -58.63 8.02 21.79
N GLY B 53 -59.43 7.23 22.50
CA GLY B 53 -60.18 6.15 21.90
C GLY B 53 -61.24 6.58 20.88
N TYR B 54 -61.52 5.69 19.93
CA TYR B 54 -62.63 5.88 18.99
C TYR B 54 -63.24 4.53 18.61
N ARG B 55 -64.29 4.57 17.77
CA ARG B 55 -64.93 3.38 17.18
C ARG B 55 -64.99 2.18 18.17
N ASP B 56 -66.10 2.09 18.96
CA ASP B 56 -66.34 0.96 19.90
C ASP B 56 -65.49 1.17 21.19
N ALA B 57 -64.87 2.35 21.30
CA ALA B 57 -64.08 2.76 22.48
C ALA B 57 -64.10 4.29 22.53
N ASN B 58 -64.97 4.88 21.71
CA ASN B 58 -65.18 6.32 21.69
C ASN B 58 -65.62 6.80 23.09
N GLY B 59 -65.07 7.93 23.54
CA GLY B 59 -65.43 8.48 24.85
C GLY B 59 -64.59 8.07 26.07
N ILE B 60 -63.77 7.01 25.92
CA ILE B 60 -62.71 6.68 26.89
C ILE B 60 -61.33 7.26 26.46
N ASN B 61 -60.77 8.13 27.31
CA ASN B 61 -59.48 8.79 27.04
C ASN B 61 -58.63 8.85 28.31
N SER B 62 -57.31 8.69 28.14
CA SER B 62 -56.38 8.82 29.27
C SER B 62 -55.36 9.93 29.06
N ASN B 63 -54.74 10.34 30.17
CA ASN B 63 -53.33 10.72 30.15
C ASN B 63 -52.46 10.09 31.28
N ALA B 64 -51.44 9.33 30.87
CA ALA B 64 -50.50 8.62 31.74
C ALA B 64 -49.15 9.36 31.90
N THR B 65 -48.53 9.23 33.07
CA THR B 65 -47.20 9.78 33.36
C THR B 65 -46.40 8.66 34.06
N SER B 66 -45.32 8.15 33.43
CA SER B 66 -44.43 7.17 34.08
C SER B 66 -43.00 7.68 34.28
N ALA B 67 -42.23 6.96 35.10
CA ALA B 67 -40.85 7.29 35.47
C ALA B 67 -40.27 6.09 36.21
N SER B 68 -39.06 5.67 35.83
CA SER B 68 -38.46 4.48 36.43
C SER B 68 -36.93 4.50 36.34
N LEU B 69 -36.25 4.15 37.43
CA LEU B 69 -34.86 3.73 37.35
C LEU B 69 -34.81 2.25 36.90
N GLN B 70 -34.16 1.96 35.76
CA GLN B 70 -33.99 0.57 35.29
C GLN B 70 -32.52 0.13 35.52
N LEU B 71 -32.28 -1.19 35.67
CA LEU B 71 -30.95 -1.77 35.93
C LEU B 71 -30.81 -3.11 35.19
N THR B 72 -29.73 -3.28 34.41
CA THR B 72 -29.39 -4.61 33.85
C THR B 72 -28.09 -5.10 34.47
N GLN B 73 -27.87 -6.42 34.46
CA GLN B 73 -26.65 -7.04 34.99
C GLN B 73 -26.48 -8.43 34.45
N SER B 74 -25.36 -8.64 33.78
CA SER B 74 -25.01 -9.95 33.23
C SER B 74 -24.61 -10.89 34.38
N ILE B 75 -25.11 -12.12 34.34
CA ILE B 75 -24.77 -13.13 35.35
C ILE B 75 -24.04 -14.27 34.65
N PHE B 76 -24.58 -14.71 33.51
CA PHE B 76 -23.89 -15.66 32.63
C PHE B 76 -24.15 -15.31 31.16
N ASP B 77 -23.10 -14.84 30.49
CA ASP B 77 -23.07 -14.48 29.08
C ASP B 77 -21.61 -14.62 28.62
N MET B 78 -21.30 -15.72 27.95
CA MET B 78 -19.93 -16.05 27.60
C MET B 78 -19.34 -15.10 26.55
N SER B 79 -20.19 -14.69 25.60
CA SER B 79 -19.82 -13.75 24.52
C SER B 79 -19.47 -12.36 25.02
N LYS B 80 -19.95 -12.01 26.20
CA LYS B 80 -19.58 -10.74 26.82
C LYS B 80 -18.19 -10.79 27.47
N TRP B 81 -17.81 -11.96 27.98
CA TRP B 81 -16.49 -12.20 28.54
C TRP B 81 -15.40 -12.30 27.43
N ARG B 82 -15.78 -12.89 26.30
CA ARG B 82 -14.97 -12.98 25.09
C ARG B 82 -14.59 -11.58 24.56
N ALA B 83 -15.58 -10.74 24.29
CA ALA B 83 -15.37 -9.35 23.90
C ALA B 83 -14.29 -8.68 24.77
N LEU B 84 -14.20 -9.09 26.02
CA LEU B 84 -13.18 -8.54 26.88
C LEU B 84 -11.80 -9.16 26.62
N THR B 85 -11.72 -10.48 26.52
CA THR B 85 -10.45 -11.15 26.29
C THR B 85 -9.89 -10.80 24.90
N LEU B 86 -10.81 -10.61 23.95
CA LEU B 86 -10.52 -10.28 22.54
C LEU B 86 -10.00 -8.85 22.34
N GLN B 87 -10.33 -7.97 23.27
CA GLN B 87 -9.84 -6.62 23.24
C GLN B 87 -8.58 -6.54 24.11
N GLU B 88 -8.35 -7.54 24.96
CA GLU B 88 -7.12 -7.62 25.74
C GLU B 88 -5.98 -8.13 24.86
N LYS B 89 -6.30 -9.12 24.03
CA LYS B 89 -5.42 -9.67 23.00
C LYS B 89 -5.12 -8.64 21.87
N ALA B 90 -6.10 -7.83 21.50
CA ALA B 90 -5.91 -6.74 20.56
C ALA B 90 -4.94 -5.67 21.07
N ALA B 91 -5.02 -5.33 22.36
CA ALA B 91 -4.09 -4.36 22.92
C ALA B 91 -2.72 -4.95 23.13
N GLY B 92 -2.64 -6.28 23.20
CA GLY B 92 -1.38 -6.99 23.23
C GLY B 92 -0.69 -6.99 21.87
N ILE B 93 -1.48 -7.08 20.80
CA ILE B 93 -0.98 -7.01 19.46
C ILE B 93 -0.48 -5.59 19.18
N GLN B 94 -1.25 -4.59 19.61
CA GLN B 94 -0.95 -3.19 19.39
C GLN B 94 0.28 -2.73 20.18
N ASP B 95 0.57 -3.42 21.27
CA ASP B 95 1.74 -3.11 22.08
C ASP B 95 3.04 -3.66 21.43
N VAL B 96 2.88 -4.72 20.66
CA VAL B 96 3.96 -5.24 19.88
C VAL B 96 4.20 -4.37 18.64
N THR B 97 3.15 -4.10 17.87
CA THR B 97 3.15 -3.05 16.85
C THR B 97 3.91 -1.82 17.34
N TYR B 98 3.75 -1.42 18.60
CA TYR B 98 4.45 -0.23 19.09
C TYR B 98 5.94 -0.46 19.28
N GLN B 99 6.28 -1.62 19.83
CA GLN B 99 7.67 -2.02 20.01
C GLN B 99 8.32 -2.17 18.62
N THR B 100 7.58 -2.59 17.60
CA THR B 100 8.10 -2.66 16.23
C THR B 100 8.44 -1.28 15.67
N ASP B 101 7.63 -0.30 15.98
CA ASP B 101 7.79 1.05 15.48
C ASP B 101 8.88 1.82 16.24
N GLN B 102 9.00 1.53 17.53
CA GLN B 102 10.08 2.06 18.36
C GLN B 102 11.43 1.62 17.77
N GLN B 103 11.43 0.41 17.17
CA GLN B 103 12.59 -0.16 16.52
C GLN B 103 12.85 0.48 15.14
N THR B 104 11.78 0.66 14.37
CA THR B 104 11.86 1.33 13.07
C THR B 104 12.47 2.73 13.18
N LEU B 105 12.10 3.48 14.20
CA LEU B 105 12.68 4.80 14.38
C LEU B 105 14.20 4.78 14.58
N ILE B 106 14.67 3.86 15.42
CA ILE B 106 16.09 3.64 15.61
C ILE B 106 16.77 3.32 14.28
N LEU B 107 16.24 2.32 13.56
CA LEU B 107 16.79 1.86 12.29
C LEU B 107 16.77 2.97 11.25
N ASN B 108 15.63 3.64 11.14
CA ASN B 108 15.43 4.70 10.18
C ASN B 108 16.28 5.93 10.42
N THR B 109 16.52 6.29 11.69
CA THR B 109 17.42 7.39 12.05
C THR B 109 18.86 7.04 11.76
N ALA B 110 19.28 5.84 12.17
CA ALA B 110 20.66 5.47 11.93
C ALA B 110 20.93 5.39 10.42
N THR B 111 19.99 4.85 9.65
CA THR B 111 20.13 4.72 8.22
C THR B 111 20.25 6.08 7.57
N ALA B 112 19.42 7.03 7.99
CA ALA B 112 19.40 8.35 7.37
C ALA B 112 20.65 9.14 7.75
N TYR B 113 21.15 8.89 8.93
CA TYR B 113 22.30 9.55 9.45
C TYR B 113 23.55 9.17 8.63
N PHE B 114 23.72 7.88 8.39
CA PHE B 114 24.77 7.33 7.55
C PHE B 114 24.62 7.62 6.07
N ASN B 115 23.42 7.82 5.60
CA ASN B 115 23.23 8.25 4.24
C ASN B 115 23.74 9.65 4.05
N VAL B 116 23.63 10.50 5.06
CA VAL B 116 24.12 11.88 4.95
C VAL B 116 25.66 11.93 4.89
N LEU B 117 26.25 11.13 5.76
CA LEU B 117 27.65 10.89 5.85
C LEU B 117 28.23 10.37 4.53
N ASN B 118 27.52 9.38 3.96
CA ASN B 118 27.79 8.79 2.66
C ASN B 118 27.82 9.83 1.57
N ALA B 119 26.82 10.71 1.59
CA ALA B 119 26.70 11.72 0.56
C ALA B 119 27.72 12.84 0.73
N ILE B 120 28.20 13.07 1.95
CA ILE B 120 29.27 14.02 2.24
C ILE B 120 30.57 13.50 1.63
N ASP B 121 30.82 12.20 1.80
CA ASP B 121 31.95 11.51 1.20
C ASP B 121 31.95 11.45 -0.34
N VAL B 122 30.81 11.14 -0.93
CA VAL B 122 30.70 11.20 -2.39
C VAL B 122 31.02 12.59 -2.92
N LEU B 123 30.52 13.64 -2.29
CA LEU B 123 30.79 14.99 -2.78
C LEU B 123 32.21 15.45 -2.48
N SER B 124 32.75 15.01 -1.36
CA SER B 124 34.10 15.27 -0.97
C SER B 124 35.12 14.74 -1.98
N TYR B 125 34.88 13.49 -2.39
CA TYR B 125 35.67 12.76 -3.35
C TYR B 125 35.50 13.31 -4.76
N THR B 126 34.30 13.78 -5.06
CA THR B 126 34.06 14.37 -6.37
C THR B 126 34.84 15.67 -6.42
N GLN B 127 34.92 16.37 -5.31
CA GLN B 127 35.68 17.58 -5.24
C GLN B 127 37.16 17.34 -5.31
N ALA B 128 37.61 16.26 -4.70
CA ALA B 128 39.01 15.92 -4.74
C ALA B 128 39.37 15.57 -6.19
N GLN B 129 38.50 14.80 -6.83
CA GLN B 129 38.64 14.48 -8.21
C GLN B 129 38.63 15.70 -9.14
N LYS B 130 37.71 16.64 -8.90
CA LYS B 130 37.70 17.91 -9.62
C LYS B 130 39.08 18.66 -9.56
N GLU B 131 39.63 18.80 -8.35
CA GLU B 131 40.87 19.47 -8.09
C GLU B 131 42.11 18.76 -8.70
N ALA B 132 42.12 17.44 -8.70
CA ALA B 132 43.19 16.69 -9.29
C ALA B 132 43.19 16.87 -10.78
N ILE B 133 42.01 16.79 -11.41
CA ILE B 133 41.86 16.97 -12.84
C ILE B 133 42.18 18.38 -13.27
N TYR B 134 41.80 19.33 -12.43
CA TYR B 134 42.14 20.72 -12.63
C TYR B 134 43.63 20.92 -12.66
N ARG B 135 44.33 20.41 -11.65
CA ARG B 135 45.79 20.37 -11.61
C ARG B 135 46.44 19.82 -12.89
N GLN B 136 45.88 18.77 -13.45
CA GLN B 136 46.33 18.25 -14.72
C GLN B 136 46.15 19.28 -15.85
N LEU B 137 44.94 19.83 -15.92
CA LEU B 137 44.54 20.84 -16.91
C LEU B 137 45.44 22.03 -16.88
N ASP B 138 45.76 22.47 -15.68
CA ASP B 138 46.62 23.62 -15.40
C ASP B 138 48.02 23.39 -15.89
N GLN B 139 48.57 22.26 -15.49
CA GLN B 139 49.94 21.95 -15.82
C GLN B 139 50.14 21.58 -17.31
N THR B 140 49.06 21.19 -17.99
CA THR B 140 49.06 20.88 -19.41
C THR B 140 49.01 22.18 -20.18
N THR B 141 48.21 23.11 -19.71
CA THR B 141 48.16 24.45 -20.21
C THR B 141 49.54 25.11 -20.16
N GLN B 142 50.24 24.95 -19.05
CA GLN B 142 51.55 25.51 -18.83
C GLN B 142 52.53 24.90 -19.83
N ARG B 143 52.64 23.57 -19.81
CA ARG B 143 53.46 22.84 -20.77
C ARG B 143 53.14 23.10 -22.24
N PHE B 144 51.90 23.34 -22.60
CA PHE B 144 51.55 23.67 -23.97
C PHE B 144 52.17 25.00 -24.41
N ASN B 145 52.15 25.94 -23.48
CA ASN B 145 52.58 27.31 -23.71
C ASN B 145 54.06 27.36 -23.99
N VAL B 146 54.74 26.42 -23.36
CA VAL B 146 56.17 26.37 -23.37
C VAL B 146 56.72 25.32 -24.38
N GLY B 147 55.82 24.71 -25.14
CA GLY B 147 56.19 23.88 -26.28
C GLY B 147 56.47 22.41 -26.05
N LEU B 148 56.00 21.89 -24.91
CA LEU B 148 56.26 20.51 -24.53
C LEU B 148 55.20 19.49 -24.80
N VAL B 149 53.93 19.88 -24.88
CA VAL B 149 52.85 18.94 -25.23
C VAL B 149 52.00 19.62 -26.26
N ALA B 150 51.27 18.86 -27.05
CA ALA B 150 50.35 19.44 -28.03
C ALA B 150 49.02 20.05 -27.42
N ILE B 151 48.36 20.89 -28.20
CA ILE B 151 47.10 21.50 -27.81
C ILE B 151 46.05 20.40 -27.57
N THR B 152 46.26 19.24 -28.18
CA THR B 152 45.33 18.15 -28.00
C THR B 152 45.25 17.70 -26.52
N ASP B 153 46.38 17.73 -25.83
CA ASP B 153 46.41 17.40 -24.41
C ASP B 153 45.55 18.33 -23.54
N VAL B 154 45.54 19.62 -23.85
CA VAL B 154 44.76 20.61 -23.12
C VAL B 154 43.26 20.41 -23.34
N GLN B 155 42.90 20.09 -24.58
CA GLN B 155 41.54 20.01 -25.01
C GLN B 155 40.92 18.78 -24.39
N ASN B 156 41.72 17.72 -24.32
CA ASN B 156 41.29 16.47 -23.76
C ASN B 156 41.00 16.59 -22.29
N ALA B 157 41.93 17.20 -21.56
CA ALA B 157 41.76 17.53 -20.18
C ALA B 157 40.55 18.45 -19.90
N ARG B 158 40.34 19.47 -20.72
CA ARG B 158 39.23 20.37 -20.42
C ARG B 158 37.88 19.67 -20.53
N ALA B 159 37.73 18.78 -21.50
CA ALA B 159 36.54 18.00 -21.72
C ALA B 159 36.22 17.16 -20.48
N GLN B 160 37.25 16.55 -19.92
CA GLN B 160 37.09 15.66 -18.81
C GLN B 160 36.87 16.40 -17.46
N TYR B 161 37.42 17.59 -17.34
CA TYR B 161 37.17 18.54 -16.26
C TYR B 161 35.74 19.08 -16.31
N ASP B 162 35.23 19.34 -17.51
CA ASP B 162 33.84 19.70 -17.62
C ASP B 162 32.85 18.63 -17.13
N THR B 163 33.09 17.35 -17.44
CA THR B 163 32.31 16.21 -16.99
C THR B 163 32.27 16.11 -15.48
N VAL B 164 33.41 16.34 -14.84
CA VAL B 164 33.46 16.26 -13.41
C VAL B 164 32.74 17.45 -12.74
N LEU B 165 32.77 18.65 -13.31
CA LEU B 165 32.02 19.79 -12.74
C LEU B 165 30.51 19.56 -12.74
N ALA B 166 30.04 18.83 -13.74
CA ALA B 166 28.66 18.37 -13.80
C ALA B 166 28.32 17.26 -12.80
N ASN B 167 29.25 16.34 -12.56
CA ASN B 167 29.09 15.34 -11.53
C ASN B 167 28.98 15.93 -10.13
N GLU B 168 29.58 17.09 -9.96
CA GLU B 168 29.61 17.79 -8.73
C GLU B 168 28.25 18.39 -8.38
N LEU B 169 27.51 18.84 -9.38
CA LEU B 169 26.17 19.32 -9.16
C LEU B 169 25.27 18.22 -8.66
N THR B 170 25.40 17.05 -9.25
CA THR B 170 24.57 15.96 -8.79
C THR B 170 24.93 15.34 -7.40
N ALA B 171 26.21 15.29 -7.08
CA ALA B 171 26.64 14.87 -5.76
C ALA B 171 26.26 15.89 -4.65
N ARG B 172 26.17 17.16 -4.99
CA ARG B 172 25.80 18.18 -4.06
C ARG B 172 24.28 18.11 -3.84
N ASN B 173 23.55 17.80 -4.89
CA ASN B 173 22.09 17.67 -4.86
C ASN B 173 21.64 16.48 -4.02
N ASN B 174 22.32 15.35 -4.20
CA ASN B 174 22.10 14.18 -3.38
C ASN B 174 22.36 14.43 -1.89
N LEU B 175 23.35 15.28 -1.59
CA LEU B 175 23.65 15.61 -0.21
C LEU B 175 22.58 16.46 0.42
N ASP B 176 22.12 17.47 -0.29
CA ASP B 176 21.01 18.34 0.13
C ASP B 176 19.76 17.55 0.45
N ASN B 177 19.47 16.59 -0.43
CA ASN B 177 18.29 15.74 -0.35
C ASN B 177 18.35 14.64 0.71
N ALA B 178 19.54 14.22 1.09
CA ALA B 178 19.59 13.28 2.17
C ALA B 178 19.63 14.01 3.52
N VAL B 179 20.06 15.27 3.50
CA VAL B 179 19.92 16.16 4.65
C VAL B 179 18.44 16.45 4.94
N GLU B 180 17.67 16.60 3.87
CA GLU B 180 16.23 16.69 3.91
C GLU B 180 15.51 15.39 4.35
N GLN B 181 15.98 14.25 3.86
CA GLN B 181 15.52 12.98 4.36
C GLN B 181 15.64 12.90 5.87
N LEU B 182 16.73 13.39 6.43
CA LEU B 182 17.01 13.26 7.83
C LEU B 182 16.20 14.26 8.64
N ARG B 183 15.96 15.46 8.11
CA ARG B 183 15.11 16.45 8.77
C ARG B 183 13.64 16.00 8.88
N GLN B 184 13.19 15.22 7.91
CA GLN B 184 11.88 14.62 7.98
C GLN B 184 11.72 13.63 9.14
N ILE B 185 12.76 12.85 9.41
CA ILE B 185 12.68 11.85 10.45
C ILE B 185 12.90 12.53 11.78
N THR B 186 13.60 13.65 11.73
CA THR B 186 14.32 14.19 12.88
C THR B 186 13.70 15.50 13.44
N GLY B 187 13.10 16.28 12.55
CA GLY B 187 12.57 17.58 12.89
C GLY B 187 13.58 18.71 12.70
N ASN B 188 14.84 18.41 12.94
CA ASN B 188 15.89 19.40 12.86
C ASN B 188 16.69 19.39 11.55
N TYR B 189 17.22 20.58 11.21
CA TYR B 189 18.31 20.74 10.27
C TYR B 189 19.66 20.65 11.01
N TYR B 190 20.59 19.87 10.48
CA TYR B 190 21.92 19.72 11.08
C TYR B 190 23.00 20.28 10.19
N PRO B 191 23.72 21.29 10.69
CA PRO B 191 24.80 21.92 9.93
C PRO B 191 26.07 21.09 9.94
N GLU B 192 26.25 20.27 10.96
CA GLU B 192 27.29 19.26 10.97
C GLU B 192 26.95 18.00 11.74
N LEU B 193 27.60 16.91 11.37
CA LEU B 193 27.46 15.63 12.06
C LEU B 193 28.81 15.08 12.44
N ALA B 194 28.82 14.07 13.29
CA ALA B 194 30.03 13.33 13.59
C ALA B 194 30.30 12.29 12.50
N ALA B 195 31.42 12.45 11.81
CA ALA B 195 31.83 11.55 10.76
C ALA B 195 32.35 10.27 11.34
N LEU B 196 32.26 9.23 10.54
CA LEU B 196 32.80 7.93 10.86
C LEU B 196 34.31 7.98 10.98
N ASN B 197 34.78 7.44 12.08
CA ASN B 197 36.20 7.40 12.32
C ASN B 197 36.79 6.30 11.44
N VAL B 198 37.57 6.69 10.44
CA VAL B 198 38.12 5.67 9.58
C VAL B 198 39.54 5.28 9.97
N GLU B 199 40.17 6.03 10.86
CA GLU B 199 41.42 5.62 11.48
C GLU B 199 41.25 4.36 12.37
N ASN B 200 40.15 4.32 13.12
CA ASN B 200 39.80 3.22 14.03
C ASN B 200 38.88 2.12 13.46
N PHE B 201 38.60 2.15 12.15
CA PHE B 201 37.68 1.19 11.54
C PHE B 201 38.21 -0.23 11.45
N LYS B 202 37.47 -1.14 12.07
CA LYS B 202 37.69 -2.59 12.01
C LYS B 202 36.31 -3.21 11.75
N THR B 203 36.27 -4.32 11.05
CA THR B 203 35.03 -5.07 10.92
C THR B 203 35.14 -6.36 11.68
N ASP B 204 34.00 -6.96 12.04
CA ASP B 204 33.92 -8.20 12.82
C ASP B 204 33.09 -9.22 12.09
N LYS B 205 33.51 -10.47 12.00
CA LYS B 205 32.64 -11.50 11.39
C LYS B 205 31.35 -11.58 12.20
N PRO B 206 30.22 -11.81 11.56
CA PRO B 206 28.95 -11.95 12.31
C PRO B 206 28.89 -13.29 13.08
N GLN B 207 27.92 -13.48 13.97
CA GLN B 207 27.67 -14.80 14.56
C GLN B 207 27.27 -15.76 13.43
N PRO B 208 27.45 -17.08 13.56
CA PRO B 208 27.10 -17.97 12.44
C PRO B 208 25.60 -17.89 12.08
N VAL B 209 25.21 -18.21 10.86
CA VAL B 209 23.82 -17.95 10.41
C VAL B 209 22.70 -18.68 11.19
N ASN B 210 22.92 -19.93 11.57
CA ASN B 210 21.97 -20.69 12.40
C ASN B 210 21.77 -20.11 13.80
N ALA B 211 22.84 -19.57 14.41
CA ALA B 211 22.71 -18.97 15.72
C ALA B 211 21.83 -17.73 15.62
N LEU B 212 22.04 -16.92 14.57
CA LEU B 212 21.23 -15.73 14.31
C LEU B 212 19.78 -16.11 14.02
N LEU B 213 19.56 -17.16 13.20
CA LEU B 213 18.22 -17.68 12.96
C LEU B 213 17.50 -18.09 14.27
N LYS B 214 18.18 -18.86 15.11
CA LYS B 214 17.66 -19.34 16.37
C LYS B 214 17.23 -18.14 17.20
N GLU B 215 18.09 -17.14 17.28
CA GLU B 215 17.87 -15.96 18.09
C GLU B 215 16.64 -15.19 17.60
N ALA B 216 16.40 -15.22 16.30
CA ALA B 216 15.28 -14.50 15.71
C ALA B 216 13.93 -15.21 15.79
N GLU B 217 13.91 -16.55 15.75
CA GLU B 217 12.67 -17.31 16.01
C GLU B 217 12.18 -17.02 17.45
N LYS B 218 13.12 -16.78 18.36
CA LYS B 218 12.80 -16.39 19.72
C LYS B 218 12.30 -14.97 19.84
N ARG B 219 12.98 -13.99 19.24
CA ARG B 219 12.79 -12.59 19.64
C ARG B 219 12.29 -11.56 18.60
N ASN B 220 12.25 -11.95 17.34
CA ASN B 220 11.80 -11.06 16.29
C ASN B 220 10.38 -10.57 16.57
N LEU B 221 10.17 -9.25 16.49
CA LEU B 221 8.85 -8.68 16.84
C LEU B 221 7.75 -8.82 15.75
N SER B 222 8.13 -8.96 14.50
CA SER B 222 7.18 -9.20 13.44
C SER B 222 6.54 -10.55 13.65
N LEU B 223 7.31 -11.52 14.11
CA LEU B 223 6.77 -12.84 14.28
C LEU B 223 6.22 -13.14 15.68
N LEU B 224 6.60 -12.33 16.68
CA LEU B 224 5.80 -12.27 17.89
C LEU B 224 4.38 -11.80 17.50
N GLN B 225 4.27 -10.68 16.78
CA GLN B 225 2.96 -10.24 16.29
C GLN B 225 2.15 -11.29 15.48
N ALA B 226 2.78 -12.01 14.56
CA ALA B 226 2.08 -13.05 13.79
C ALA B 226 1.55 -14.17 14.67
N ARG B 227 2.29 -14.49 15.73
CA ARG B 227 1.91 -15.52 16.69
C ARG B 227 0.74 -15.05 17.56
N LEU B 228 0.79 -13.81 18.03
CA LEU B 228 -0.30 -13.24 18.80
C LEU B 228 -1.52 -13.10 17.94
N SER B 229 -1.33 -12.86 16.65
CA SER B 229 -2.43 -12.76 15.70
C SER B 229 -3.08 -14.14 15.35
N GLN B 230 -2.38 -15.23 15.69
CA GLN B 230 -2.86 -16.59 15.52
C GLN B 230 -3.68 -17.03 16.75
N ASP B 231 -3.20 -16.68 17.94
CA ASP B 231 -3.93 -16.72 19.20
C ASP B 231 -5.29 -15.99 19.04
N LEU B 232 -5.27 -14.77 18.50
CA LEU B 232 -6.47 -13.96 18.25
C LEU B 232 -7.50 -14.67 17.36
N ALA B 233 -7.05 -15.38 16.34
CA ALA B 233 -7.95 -16.08 15.43
C ALA B 233 -8.54 -17.35 16.05
N ARG B 234 -7.89 -17.88 17.08
CA ARG B 234 -8.31 -19.09 17.78
C ARG B 234 -9.41 -18.67 18.77
N GLU B 235 -9.11 -17.63 19.53
CA GLU B 235 -10.11 -17.02 20.39
C GLU B 235 -11.31 -16.53 19.61
N GLN B 236 -11.15 -16.31 18.32
CA GLN B 236 -12.25 -15.91 17.48
C GLN B 236 -13.13 -17.10 17.07
N ILE B 237 -12.57 -18.32 17.13
CA ILE B 237 -13.32 -19.57 16.95
C ILE B 237 -14.24 -19.75 18.16
N ARG B 238 -13.66 -19.56 19.34
CA ARG B 238 -14.37 -19.53 20.61
C ARG B 238 -15.54 -18.54 20.70
N GLN B 239 -15.37 -17.33 20.18
CA GLN B 239 -16.40 -16.30 20.20
C GLN B 239 -17.58 -16.65 19.31
N ALA B 240 -17.30 -17.38 18.24
CA ALA B 240 -18.33 -17.87 17.35
C ALA B 240 -19.08 -19.03 18.01
N GLN B 241 -18.33 -19.92 18.68
CA GLN B 241 -18.88 -21.08 19.36
C GLN B 241 -19.86 -20.70 20.51
N ASP B 242 -19.71 -19.47 20.98
CA ASP B 242 -20.54 -18.93 22.04
C ASP B 242 -21.98 -18.65 21.63
N GLY B 243 -22.24 -18.48 20.34
CA GLY B 243 -23.59 -18.25 19.86
C GLY B 243 -24.56 -19.38 20.18
N HIS B 244 -24.02 -20.56 20.50
CA HIS B 244 -24.77 -21.74 20.94
C HIS B 244 -25.21 -21.69 22.42
N LEU B 245 -24.42 -21.05 23.27
CA LEU B 245 -24.63 -21.08 24.71
C LEU B 245 -25.86 -20.27 25.17
N PRO B 246 -26.48 -20.69 26.28
CA PRO B 246 -27.53 -19.93 26.97
C PRO B 246 -27.08 -18.67 27.73
N THR B 247 -27.89 -17.62 27.73
CA THR B 247 -27.60 -16.39 28.48
C THR B 247 -28.53 -16.18 29.71
N LEU B 248 -27.94 -15.83 30.86
CA LEU B 248 -28.67 -15.59 32.11
C LEU B 248 -28.49 -14.13 32.62
N ASP B 249 -29.49 -13.28 32.40
CA ASP B 249 -29.47 -11.88 32.86
C ASP B 249 -30.26 -11.58 34.15
N LEU B 250 -30.21 -10.32 34.59
CA LEU B 250 -30.88 -9.84 35.79
C LEU B 250 -31.49 -8.46 35.52
N THR B 251 -32.76 -8.27 35.86
CA THR B 251 -33.41 -6.94 35.77
C THR B 251 -33.70 -6.41 37.17
N ALA B 252 -33.91 -5.09 37.25
CA ALA B 252 -34.32 -4.44 38.49
C ALA B 252 -34.88 -3.08 38.13
N SER B 253 -35.97 -2.70 38.78
CA SER B 253 -36.57 -1.40 38.55
C SER B 253 -37.27 -0.85 39.79
N THR B 254 -37.50 0.46 39.78
CA THR B 254 -38.46 1.10 40.69
C THR B 254 -39.22 2.20 39.94
N GLY B 255 -40.44 1.88 39.50
CA GLY B 255 -41.24 2.79 38.67
C GLY B 255 -42.59 3.26 39.18
N ILE B 256 -42.83 4.57 39.06
CA ILE B 256 -44.12 5.19 39.31
C ILE B 256 -44.97 5.28 38.01
N SER B 257 -46.30 5.35 38.12
CA SER B 257 -47.17 5.63 36.95
C SER B 257 -48.56 6.15 37.34
N ASP B 258 -48.84 7.41 36.98
CA ASP B 258 -50.17 8.01 37.16
C ASP B 258 -51.27 7.38 36.28
N THR B 259 -51.86 8.18 35.39
CA THR B 259 -53.08 7.85 34.62
C THR B 259 -54.37 8.44 35.26
N SER B 260 -54.90 9.48 34.62
CA SER B 260 -56.27 9.95 34.84
C SER B 260 -57.11 9.78 33.55
N TYR B 261 -58.29 9.19 33.70
CA TYR B 261 -59.24 9.02 32.59
C TYR B 261 -60.25 10.20 32.55
N SER B 262 -61.00 10.31 31.46
CA SER B 262 -61.76 11.53 31.17
C SER B 262 -62.70 11.32 29.95
N GLY B 263 -63.67 12.24 29.76
CA GLY B 263 -64.65 12.15 28.68
C GLY B 263 -65.97 11.43 29.01
N SER B 264 -66.66 10.98 27.96
CA SER B 264 -68.02 10.40 28.00
C SER B 264 -68.24 9.01 28.67
N LYS B 265 -67.64 7.97 28.12
CA LYS B 265 -67.93 6.60 28.58
C LYS B 265 -66.99 6.17 29.73
N THR B 266 -66.73 7.07 30.68
CA THR B 266 -65.80 6.71 31.78
C THR B 266 -66.39 6.37 33.19
N ARG B 267 -67.65 6.75 33.43
CA ARG B 267 -68.44 6.29 34.60
C ARG B 267 -69.56 5.31 34.14
N GLY B 268 -70.52 5.00 35.03
CA GLY B 268 -71.71 4.19 34.73
C GLY B 268 -71.63 3.00 33.75
N ALA B 269 -71.55 1.77 34.30
CA ALA B 269 -71.28 0.50 33.58
C ALA B 269 -69.77 0.22 33.27
N ALA B 270 -68.90 1.05 33.87
CA ALA B 270 -67.45 0.80 33.91
C ALA B 270 -67.07 -0.06 35.15
N GLY B 271 -67.30 0.48 36.35
CA GLY B 271 -67.03 -0.24 37.59
C GLY B 271 -65.56 -0.36 38.01
N THR B 272 -64.98 0.74 38.52
CA THR B 272 -63.61 0.79 39.10
C THR B 272 -62.40 0.77 38.10
N GLN B 273 -62.57 0.13 36.95
CA GLN B 273 -61.48 -0.02 35.97
C GLN B 273 -61.02 1.29 35.24
N TYR B 274 -61.83 2.36 35.28
CA TYR B 274 -61.44 3.64 34.68
C TYR B 274 -61.41 4.81 35.70
N ASP B 275 -60.97 4.48 36.91
CA ASP B 275 -60.86 5.44 38.02
C ASP B 275 -59.54 6.22 37.86
N ASP B 276 -58.84 6.44 38.98
CA ASP B 276 -57.49 6.98 38.93
C ASP B 276 -56.57 5.94 39.58
N SER B 277 -55.83 5.19 38.75
CA SER B 277 -54.70 4.39 39.26
C SER B 277 -53.50 5.32 39.50
N ASN B 278 -52.77 5.04 40.57
CA ASN B 278 -51.53 5.73 40.91
C ASN B 278 -50.49 4.68 41.29
N MET B 279 -50.15 3.79 40.34
CA MET B 279 -49.33 2.58 40.54
C MET B 279 -47.91 2.84 41.09
N GLY B 280 -47.26 1.78 41.52
CA GLY B 280 -45.94 1.83 42.13
C GLY B 280 -45.39 0.43 42.11
N GLN B 281 -44.16 0.25 41.65
CA GLN B 281 -43.60 -1.09 41.42
C GLN B 281 -42.10 -1.19 41.70
N ASN B 282 -41.71 -2.28 42.34
CA ASN B 282 -40.32 -2.65 42.52
C ASN B 282 -40.13 -4.04 41.96
N LYS B 283 -39.25 -4.17 40.96
CA LYS B 283 -39.02 -5.48 40.35
C LYS B 283 -37.57 -6.02 40.54
N VAL B 284 -37.43 -7.33 40.45
CA VAL B 284 -36.15 -8.00 40.36
C VAL B 284 -36.40 -9.31 39.61
N GLY B 285 -35.93 -9.38 38.36
CA GLY B 285 -36.14 -10.54 37.51
C GLY B 285 -34.90 -11.25 37.00
N LEU B 286 -35.05 -12.50 36.59
CA LEU B 286 -33.98 -13.21 35.91
C LEU B 286 -34.48 -13.71 34.56
N SER B 287 -33.83 -13.25 33.47
CA SER B 287 -34.11 -13.76 32.12
C SER B 287 -33.16 -14.90 31.72
N PHE B 288 -33.65 -15.82 30.87
CA PHE B 288 -32.86 -16.95 30.38
C PHE B 288 -33.14 -17.14 28.89
N SER B 289 -32.07 -17.27 28.09
CA SER B 289 -32.18 -17.46 26.63
C SER B 289 -31.26 -18.57 26.11
N LEU B 290 -31.84 -19.54 25.43
CA LEU B 290 -31.06 -20.57 24.76
C LEU B 290 -31.52 -20.58 23.30
N PRO B 291 -30.58 -20.33 22.40
CA PRO B 291 -30.82 -20.42 20.94
C PRO B 291 -31.40 -21.69 20.27
N ILE B 292 -30.91 -22.92 20.47
CA ILE B 292 -31.45 -24.11 19.73
C ILE B 292 -31.25 -24.14 18.20
N TYR B 293 -31.80 -23.16 17.47
CA TYR B 293 -31.66 -23.11 16.00
C TYR B 293 -31.88 -21.70 15.38
N GLN B 294 -30.87 -21.15 14.72
CA GLN B 294 -30.99 -19.86 14.02
C GLN B 294 -30.70 -19.94 12.51
N GLY B 295 -30.91 -21.10 11.90
CA GLY B 295 -30.77 -21.24 10.46
C GLY B 295 -29.41 -21.77 10.04
N GLY B 296 -28.65 -22.25 11.02
CA GLY B 296 -27.26 -22.62 10.82
C GLY B 296 -26.34 -21.41 10.76
N MET B 297 -26.80 -20.26 11.27
CA MET B 297 -26.01 -19.03 11.41
C MET B 297 -24.75 -19.32 12.22
N VAL B 298 -24.90 -19.58 13.52
CA VAL B 298 -23.82 -20.21 14.26
C VAL B 298 -23.51 -21.49 13.48
N ASN B 299 -22.28 -21.98 13.56
CA ASN B 299 -21.84 -23.18 12.84
C ASN B 299 -21.12 -22.77 11.60
N SER B 300 -21.81 -22.01 10.77
CA SER B 300 -21.19 -21.39 9.60
C SER B 300 -20.34 -20.19 10.06
N GLN B 301 -20.79 -19.49 11.11
CA GLN B 301 -19.96 -18.45 11.74
C GLN B 301 -18.72 -19.07 12.37
N VAL B 302 -18.83 -20.32 12.80
CA VAL B 302 -17.74 -21.10 13.40
C VAL B 302 -16.79 -21.65 12.32
N LYS B 303 -17.37 -22.09 11.20
CA LYS B 303 -16.59 -22.60 10.07
C LYS B 303 -15.78 -21.48 9.39
N GLN B 304 -16.40 -20.31 9.24
CA GLN B 304 -15.74 -19.06 8.84
C GLN B 304 -14.52 -18.75 9.72
N ALA B 305 -14.72 -18.79 11.04
CA ALA B 305 -13.66 -18.55 11.99
C ALA B 305 -12.58 -19.67 12.01
N GLN B 306 -12.95 -20.87 11.58
CA GLN B 306 -12.00 -21.97 11.48
C GLN B 306 -11.01 -21.79 10.30
N TYR B 307 -11.56 -21.34 9.16
CA TYR B 307 -10.80 -21.01 7.94
C TYR B 307 -9.93 -19.74 8.12
N ASN B 308 -10.51 -18.70 8.72
CA ASN B 308 -9.76 -17.51 9.14
C ASN B 308 -8.64 -17.88 10.11
N PHE B 309 -8.75 -18.99 10.83
CA PHE B 309 -7.63 -19.45 11.66
C PHE B 309 -6.53 -20.11 10.78
N VAL B 310 -6.89 -20.92 9.77
CA VAL B 310 -5.86 -21.50 8.89
C VAL B 310 -5.14 -20.34 8.16
N GLY B 311 -5.90 -19.29 7.84
CA GLY B 311 -5.36 -18.06 7.28
C GLY B 311 -4.31 -17.37 8.14
N ALA B 312 -4.60 -17.14 9.40
CA ALA B 312 -3.63 -16.56 10.31
C ALA B 312 -2.44 -17.50 10.56
N SER B 313 -2.62 -18.79 10.34
CA SER B 313 -1.55 -19.76 10.52
C SER B 313 -0.61 -19.79 9.31
N GLU B 314 -1.16 -19.40 8.17
CA GLU B 314 -0.41 -19.22 6.94
C GLU B 314 0.34 -17.86 6.98
N GLN B 315 -0.26 -16.82 7.53
CA GLN B 315 0.42 -15.53 7.71
C GLN B 315 1.59 -15.66 8.69
N LEU B 316 1.52 -16.66 9.57
CA LEU B 316 2.60 -16.96 10.52
C LEU B 316 3.76 -17.73 9.81
N GLU B 317 3.43 -18.60 8.83
CA GLU B 317 4.43 -19.20 7.95
C GLU B 317 5.02 -18.16 6.99
N SER B 318 4.23 -17.14 6.67
CA SER B 318 4.63 -16.03 5.82
C SER B 318 5.64 -15.15 6.48
N ALA B 319 5.40 -14.79 7.73
CA ALA B 319 6.30 -13.92 8.46
C ALA B 319 7.56 -14.64 8.94
N HIS B 320 7.56 -15.98 8.97
CA HIS B 320 8.74 -16.78 9.32
C HIS B 320 9.69 -16.77 8.13
N ARG B 321 9.15 -17.08 6.96
CA ARG B 321 9.85 -17.04 5.71
C ARG B 321 10.47 -15.70 5.46
N SER B 322 9.76 -14.65 5.80
CA SER B 322 10.24 -13.32 5.53
C SER B 322 11.30 -12.90 6.55
N VAL B 323 11.37 -13.55 7.70
CA VAL B 323 12.46 -13.22 8.59
C VAL B 323 13.65 -14.12 8.37
N VAL B 324 13.40 -15.34 7.93
CA VAL B 324 14.48 -16.18 7.41
C VAL B 324 15.19 -15.49 6.24
N GLN B 325 14.46 -14.77 5.40
CA GLN B 325 15.04 -13.94 4.33
C GLN B 325 15.90 -12.79 4.85
N THR B 326 15.30 -11.97 5.69
CA THR B 326 15.94 -10.79 6.24
C THR B 326 17.19 -11.16 7.01
N VAL B 327 17.21 -12.27 7.73
CA VAL B 327 18.47 -12.59 8.40
C VAL B 327 19.51 -13.23 7.49
N ARG B 328 19.10 -14.19 6.69
CA ARG B 328 20.02 -14.87 5.79
C ARG B 328 20.66 -13.88 4.82
N SER B 329 19.86 -12.97 4.29
CA SER B 329 20.35 -12.03 3.31
C SER B 329 21.06 -10.83 3.94
N SER B 330 20.78 -10.55 5.21
CA SER B 330 21.64 -9.64 5.95
C SER B 330 23.00 -10.24 6.33
N PHE B 331 23.05 -11.53 6.63
CA PHE B 331 24.28 -12.21 6.99
C PHE B 331 25.13 -12.35 5.74
N ASN B 332 24.46 -12.52 4.61
CA ASN B 332 25.17 -12.50 3.35
C ASN B 332 25.73 -11.11 3.00
N ASN B 333 24.92 -10.07 3.18
CA ASN B 333 25.34 -8.71 2.90
C ASN B 333 26.49 -8.27 3.81
N ILE B 334 26.51 -8.72 5.06
CA ILE B 334 27.56 -8.32 5.97
C ILE B 334 28.89 -8.96 5.59
N ASN B 335 28.88 -10.23 5.20
CA ASN B 335 30.10 -10.93 4.78
C ASN B 335 30.67 -10.33 3.52
N ALA B 336 29.78 -10.05 2.58
CA ALA B 336 30.10 -9.41 1.32
C ALA B 336 30.63 -7.99 1.50
N SER B 337 30.10 -7.27 2.46
CA SER B 337 30.57 -5.93 2.79
C SER B 337 31.99 -5.90 3.27
N ILE B 338 32.35 -6.87 4.11
CA ILE B 338 33.72 -7.03 4.62
C ILE B 338 34.64 -7.39 3.48
N SER B 339 34.17 -8.28 2.64
CA SER B 339 34.87 -8.68 1.46
C SER B 339 35.13 -7.53 0.51
N SER B 340 34.16 -6.65 0.41
CA SER B 340 34.24 -5.48 -0.44
C SER B 340 35.17 -4.44 0.11
N ILE B 341 35.10 -4.22 1.42
CA ILE B 341 36.03 -3.35 2.13
C ILE B 341 37.45 -3.80 1.88
N ASN B 342 37.74 -5.08 2.04
CA ASN B 342 39.06 -5.60 1.68
C ASN B 342 39.44 -5.45 0.21
N ALA B 343 38.52 -5.74 -0.70
CA ALA B 343 38.77 -5.61 -2.12
C ALA B 343 39.09 -4.18 -2.63
N TYR B 344 38.38 -3.19 -2.09
CA TYR B 344 38.53 -1.82 -2.48
C TYR B 344 39.74 -1.15 -1.79
N LYS B 345 40.12 -1.62 -0.61
CA LYS B 345 41.37 -1.16 -0.01
C LYS B 345 42.52 -1.50 -0.92
N GLN B 346 42.56 -2.73 -1.37
CA GLN B 346 43.62 -3.23 -2.25
C GLN B 346 43.53 -2.54 -3.61
N ALA B 347 42.31 -2.34 -4.13
CA ALA B 347 42.07 -1.52 -5.36
C ALA B 347 42.61 -0.06 -5.34
N VAL B 348 42.43 0.65 -4.23
CA VAL B 348 42.89 2.01 -4.10
C VAL B 348 44.40 2.09 -4.21
N VAL B 349 45.07 1.14 -3.57
CA VAL B 349 46.51 0.92 -3.72
C VAL B 349 46.95 0.68 -5.17
N SER B 350 46.46 -0.36 -5.80
CA SER B 350 46.86 -0.59 -7.20
C SER B 350 46.45 0.57 -8.12
N ALA B 351 45.35 1.27 -7.81
CA ALA B 351 44.89 2.40 -8.64
C ALA B 351 45.82 3.58 -8.64
N GLN B 352 46.34 3.88 -7.46
CA GLN B 352 47.28 4.96 -7.20
C GLN B 352 48.61 4.66 -7.91
N SER B 353 48.98 3.42 -7.88
CA SER B 353 50.23 3.06 -8.38
C SER B 353 50.14 2.93 -9.92
N SER B 354 48.95 2.62 -10.43
CA SER B 354 48.69 2.62 -11.86
C SER B 354 48.57 4.07 -12.33
N LEU B 355 48.05 4.96 -11.49
CA LEU B 355 48.09 6.38 -11.84
C LEU B 355 49.52 6.89 -11.91
N ASP B 356 50.39 6.55 -10.95
CA ASP B 356 51.80 6.93 -11.04
C ASP B 356 52.49 6.37 -12.29
N ALA B 357 52.11 5.18 -12.67
CA ALA B 357 52.65 4.54 -13.82
C ALA B 357 52.21 5.26 -15.10
N MET B 358 50.95 5.70 -15.18
CA MET B 358 50.51 6.49 -16.33
C MET B 358 51.28 7.78 -16.41
N GLU B 359 51.51 8.43 -15.28
CA GLU B 359 52.17 9.70 -15.30
C GLU B 359 53.61 9.54 -15.82
N ALA B 360 54.26 8.46 -15.36
CA ALA B 360 55.60 8.11 -15.80
C ALA B 360 55.61 7.90 -17.28
N GLY B 361 54.67 7.08 -17.77
CA GLY B 361 54.53 6.78 -19.17
C GLY B 361 54.20 7.96 -20.06
N TYR B 362 53.33 8.84 -19.61
CA TYR B 362 53.09 10.09 -20.32
C TYR B 362 54.37 10.88 -20.63
N SER B 363 55.29 10.98 -19.67
CA SER B 363 56.50 11.75 -19.88
C SER B 363 57.57 11.10 -20.79
N VAL B 364 57.49 9.79 -21.01
CA VAL B 364 58.32 9.13 -22.02
C VAL B 364 57.59 8.72 -23.31
N GLY B 365 56.32 9.09 -23.44
CA GLY B 365 55.54 8.85 -24.64
C GLY B 365 54.84 7.52 -24.81
N THR B 366 54.82 6.65 -23.80
CA THR B 366 54.10 5.39 -23.94
C THR B 366 52.66 5.35 -23.37
N ARG B 367 52.18 6.50 -22.88
CA ARG B 367 50.81 6.74 -22.42
C ARG B 367 50.49 8.22 -22.77
N THR B 368 49.21 8.59 -22.75
CA THR B 368 48.76 9.92 -23.12
C THR B 368 48.25 10.62 -21.87
N ILE B 369 47.91 11.91 -22.00
CA ILE B 369 47.08 12.59 -21.01
C ILE B 369 45.77 11.83 -20.72
N VAL B 370 45.18 11.20 -21.73
CA VAL B 370 43.91 10.48 -21.59
C VAL B 370 44.05 9.34 -20.57
N ASP B 371 45.13 8.55 -20.67
CA ASP B 371 45.38 7.49 -19.68
C ASP B 371 45.61 8.00 -18.26
N VAL B 372 46.28 9.18 -18.14
CA VAL B 372 46.50 9.82 -16.86
C VAL B 372 45.15 10.23 -16.24
N LEU B 373 44.29 10.91 -17.00
CA LEU B 373 43.01 11.34 -16.50
C LEU B 373 42.09 10.14 -16.19
N ASP B 374 42.12 9.10 -17.04
CA ASP B 374 41.38 7.87 -16.74
C ASP B 374 41.77 7.23 -15.40
N ALA B 375 43.05 7.28 -15.09
CA ALA B 375 43.61 6.61 -13.95
C ALA B 375 43.25 7.39 -12.69
N THR B 376 43.12 8.70 -12.87
CA THR B 376 42.63 9.61 -11.86
C THR B 376 41.17 9.31 -11.55
N THR B 377 40.37 9.06 -12.58
CA THR B 377 38.99 8.58 -12.40
C THR B 377 38.88 7.19 -11.72
N THR B 378 39.58 6.18 -12.24
CA THR B 378 39.65 4.90 -11.58
C THR B 378 39.96 5.04 -10.08
N LEU B 379 40.96 5.87 -9.74
CA LEU B 379 41.42 6.04 -8.36
C LEU B 379 40.33 6.53 -7.41
N TYR B 380 39.70 7.62 -7.80
CA TYR B 380 38.55 8.18 -7.09
C TYR B 380 37.31 7.32 -7.09
N ASN B 381 37.03 6.65 -8.20
CA ASN B 381 35.96 5.67 -8.19
C ASN B 381 36.14 4.58 -7.09
N ALA B 382 37.34 4.03 -6.97
CA ALA B 382 37.64 3.03 -5.91
C ALA B 382 37.56 3.53 -4.46
N LYS B 383 37.91 4.79 -4.22
CA LYS B 383 37.90 5.39 -2.90
C LYS B 383 36.46 5.56 -2.42
N GLN B 384 35.63 6.02 -3.37
CA GLN B 384 34.21 6.15 -3.21
C GLN B 384 33.57 4.83 -2.93
N GLU B 385 33.90 3.83 -3.72
CA GLU B 385 33.43 2.48 -3.47
C GLU B 385 33.84 1.93 -2.12
N LEU B 386 35.02 2.27 -1.62
CA LEU B 386 35.44 1.83 -0.31
C LEU B 386 34.65 2.50 0.82
N ALA B 387 34.53 3.83 0.75
CA ALA B 387 33.74 4.57 1.71
C ALA B 387 32.32 3.99 1.74
N ASN B 388 31.74 3.73 0.57
CA ASN B 388 30.37 3.26 0.42
C ASN B 388 30.18 1.87 1.05
N ALA B 389 31.22 1.04 1.04
CA ALA B 389 31.18 -0.31 1.60
C ALA B 389 31.16 -0.33 3.12
N ARG B 390 31.73 0.71 3.73
CA ARG B 390 31.83 0.87 5.16
C ARG B 390 30.45 1.22 5.74
N TYR B 391 29.80 2.14 5.06
CA TYR B 391 28.44 2.48 5.35
C TYR B 391 27.54 1.28 5.15
N ASN B 392 27.67 0.59 4.03
CA ASN B 392 26.94 -0.66 3.78
C ASN B 392 27.12 -1.72 4.87
N TYR B 393 28.37 -1.92 5.32
CA TYR B 393 28.67 -2.76 6.48
C TYR B 393 27.89 -2.40 7.77
N LEU B 394 27.89 -1.13 8.17
CA LEU B 394 27.24 -0.65 9.37
C LEU B 394 25.71 -0.69 9.28
N ILE B 395 25.19 -0.45 8.06
CA ILE B 395 23.75 -0.45 7.81
C ILE B 395 23.24 -1.87 7.94
N ASN B 396 24.07 -2.81 7.56
CA ASN B 396 23.72 -4.20 7.68
C ASN B 396 23.85 -4.77 9.08
N GLN B 397 24.71 -4.18 9.90
CA GLN B 397 24.70 -4.51 11.33
C GLN B 397 23.36 -4.13 11.95
N LEU B 398 22.91 -2.93 11.61
CA LEU B 398 21.63 -2.39 11.97
C LEU B 398 20.44 -3.26 11.50
N ASN B 399 20.42 -3.67 10.23
CA ASN B 399 19.32 -4.49 9.72
C ASN B 399 19.27 -5.89 10.37
N ILE B 400 20.42 -6.39 10.81
CA ILE B 400 20.46 -7.72 11.39
C ILE B 400 19.99 -7.72 12.86
N LYS B 401 20.31 -6.65 13.59
CA LYS B 401 19.79 -6.44 14.94
C LYS B 401 18.26 -6.26 14.90
N SER B 402 17.80 -5.48 13.93
CA SER B 402 16.39 -5.32 13.65
C SER B 402 15.72 -6.67 13.37
N ALA B 403 16.27 -7.49 12.48
CA ALA B 403 15.70 -8.81 12.23
C ALA B 403 15.82 -9.72 13.44
N LEU B 404 16.77 -9.46 14.32
CA LEU B 404 16.88 -10.17 15.58
C LEU B 404 15.71 -9.84 16.54
N GLY B 405 15.23 -8.59 16.52
CA GLY B 405 14.22 -8.13 17.46
C GLY B 405 14.75 -7.23 18.57
N THR B 406 16.06 -7.21 18.74
CA THR B 406 16.70 -6.55 19.89
C THR B 406 17.43 -5.24 19.64
N LEU B 407 17.09 -4.54 18.56
CA LEU B 407 17.76 -3.30 18.25
C LEU B 407 17.36 -2.20 19.24
N ASN B 408 18.32 -1.71 20.01
CA ASN B 408 18.03 -0.70 21.02
C ASN B 408 19.05 0.43 21.13
N GLU B 409 18.91 1.24 22.17
CA GLU B 409 19.77 2.39 22.45
C GLU B 409 21.20 1.98 22.78
N GLN B 410 21.42 0.76 23.26
CA GLN B 410 22.78 0.29 23.57
C GLN B 410 23.51 -0.02 22.25
N ASP B 411 22.78 -0.49 21.23
CA ASP B 411 23.28 -0.74 19.89
C ASP B 411 23.71 0.57 19.22
N LEU B 412 22.93 1.59 19.49
CA LEU B 412 23.15 2.90 18.92
C LEU B 412 24.32 3.61 19.62
N LEU B 413 24.61 3.22 20.86
CA LEU B 413 25.70 3.77 21.64
C LEU B 413 26.99 3.21 21.06
N ALA B 414 27.00 1.91 20.73
CA ALA B 414 28.14 1.22 20.09
C ALA B 414 28.61 1.92 18.80
N LEU B 415 27.65 2.13 17.88
CA LEU B 415 27.86 2.87 16.64
C LEU B 415 28.35 4.30 16.82
N ASN B 416 27.84 4.97 17.85
CA ASN B 416 28.24 6.31 18.20
C ASN B 416 29.70 6.34 18.74
N ASN B 417 30.18 5.23 19.29
CA ASN B 417 31.59 5.15 19.72
C ASN B 417 32.58 4.95 18.55
N ALA B 418 32.03 4.78 17.35
CA ALA B 418 32.77 4.64 16.11
C ALA B 418 32.78 5.94 15.31
N LEU B 419 32.29 7.00 15.92
CA LEU B 419 32.29 8.33 15.32
C LEU B 419 33.32 9.27 16.00
N SER B 420 33.68 10.37 15.34
CA SER B 420 34.62 11.33 15.94
C SER B 420 34.39 12.75 15.45
N LYS B 421 35.31 13.26 14.63
CA LYS B 421 35.41 14.68 14.37
C LYS B 421 34.21 15.19 13.56
N PRO B 422 33.81 16.44 13.80
CA PRO B 422 32.73 17.07 13.03
C PRO B 422 33.05 17.34 11.54
N VAL B 423 32.04 17.15 10.70
CA VAL B 423 32.19 17.36 9.26
C VAL B 423 30.89 18.02 8.77
N SER B 424 31.00 18.96 7.84
CA SER B 424 29.88 19.83 7.44
C SER B 424 28.92 19.23 6.40
N THR B 425 27.62 19.46 6.57
CA THR B 425 26.64 19.04 5.58
C THR B 425 26.36 20.10 4.56
N ASN B 426 27.04 21.24 4.64
CA ASN B 426 26.93 22.26 3.59
C ASN B 426 28.19 23.02 3.37
N PRO B 427 29.18 22.36 2.76
CA PRO B 427 30.52 22.97 2.60
C PRO B 427 30.53 23.90 1.40
N GLU B 428 31.70 24.40 1.02
CA GLU B 428 31.96 24.59 -0.40
C GLU B 428 33.40 24.12 -0.56
N GLU C 1 -2.37 16.63 -29.53
CA GLU C 1 -0.94 16.76 -29.95
C GLU C 1 -0.06 17.69 -29.07
N ASN C 2 -0.49 18.92 -28.79
CA ASN C 2 0.23 19.74 -27.80
C ASN C 2 -0.20 19.40 -26.35
N LEU C 3 0.43 19.98 -25.34
CA LEU C 3 0.19 19.54 -23.96
C LEU C 3 -1.18 19.98 -23.43
N MET C 4 -1.57 21.21 -23.76
CA MET C 4 -2.94 21.68 -23.56
C MET C 4 -3.99 20.70 -24.16
N GLN C 5 -3.84 20.30 -25.42
CA GLN C 5 -4.76 19.34 -26.03
C GLN C 5 -4.71 17.93 -25.43
N VAL C 6 -3.56 17.50 -24.90
CA VAL C 6 -3.45 16.16 -24.32
C VAL C 6 -4.16 16.12 -22.97
N TYR C 7 -4.01 17.17 -22.16
CA TYR C 7 -4.68 17.28 -20.89
C TYR C 7 -6.19 17.50 -21.00
N GLN C 8 -6.65 18.27 -22.01
CA GLN C 8 -8.08 18.42 -22.26
C GLN C 8 -8.75 17.07 -22.53
N GLN C 9 -8.17 16.26 -23.42
CA GLN C 9 -8.70 14.97 -23.73
C GLN C 9 -8.60 14.05 -22.52
N ALA C 10 -7.67 14.36 -21.61
CA ALA C 10 -7.48 13.56 -20.39
C ALA C 10 -8.49 13.90 -19.31
N ARG C 11 -8.75 15.21 -19.15
CA ARG C 11 -9.68 15.71 -18.16
C ARG C 11 -11.12 15.16 -18.36
N LEU C 12 -11.58 15.01 -19.61
CA LEU C 12 -12.90 14.43 -19.88
C LEU C 12 -13.02 12.95 -19.50
N SER C 13 -12.00 12.15 -19.78
CA SER C 13 -12.18 10.71 -19.72
C SER C 13 -11.34 9.89 -18.73
N ASN C 14 -10.56 10.55 -17.89
CA ASN C 14 -9.70 9.88 -16.89
C ASN C 14 -10.46 9.09 -15.77
N PRO C 15 -10.34 7.75 -15.76
CA PRO C 15 -10.98 6.90 -14.76
C PRO C 15 -10.65 7.14 -13.29
N GLU C 16 -9.39 7.43 -12.97
CA GLU C 16 -8.94 7.70 -11.61
C GLU C 16 -9.63 8.94 -11.05
N LEU C 17 -9.75 9.98 -11.88
CA LEU C 17 -10.33 11.27 -11.47
C LEU C 17 -11.85 11.18 -11.35
N ARG C 18 -12.49 10.58 -12.35
CA ARG C 18 -13.93 10.46 -12.38
C ARG C 18 -14.45 9.58 -11.25
N LYS C 19 -13.67 8.59 -10.82
CA LYS C 19 -14.01 7.79 -9.64
C LYS C 19 -13.93 8.64 -8.39
N SER C 20 -12.91 9.47 -8.30
CA SER C 20 -12.76 10.36 -7.16
C SER C 20 -13.97 11.28 -7.06
N ALA C 21 -14.48 11.69 -8.21
CA ALA C 21 -15.69 12.53 -8.36
C ALA C 21 -16.95 11.81 -7.86
N ALA C 22 -17.04 10.51 -8.14
CA ALA C 22 -18.08 9.63 -7.61
C ALA C 22 -18.03 9.42 -6.07
N ASP C 23 -16.84 9.38 -5.49
CA ASP C 23 -16.65 9.30 -4.04
C ASP C 23 -17.06 10.57 -3.34
N ARG C 24 -16.84 11.70 -4.00
CA ARG C 24 -17.14 13.03 -3.48
C ARG C 24 -18.65 13.26 -3.49
N ASP C 25 -19.26 12.90 -4.63
CA ASP C 25 -20.70 12.97 -4.83
C ASP C 25 -21.44 12.05 -3.84
N ALA C 26 -20.95 10.84 -3.61
CA ALA C 26 -21.54 9.97 -2.58
C ALA C 26 -21.41 10.53 -1.16
N ALA C 27 -20.26 11.12 -0.83
CA ALA C 27 -20.08 11.71 0.48
C ALA C 27 -20.96 12.93 0.67
N PHE C 28 -21.20 13.70 -0.39
CA PHE C 28 -22.06 14.87 -0.27
C PHE C 28 -23.56 14.47 -0.14
N GLU C 29 -23.97 13.44 -0.91
CA GLU C 29 -25.34 12.91 -0.87
C GLU C 29 -25.66 12.29 0.49
N LYS C 30 -24.69 11.56 1.04
CA LYS C 30 -24.83 10.97 2.36
C LYS C 30 -25.10 12.04 3.44
N ILE C 31 -24.98 13.33 3.11
CA ILE C 31 -25.36 14.38 4.07
C ILE C 31 -26.88 14.27 4.29
N ASN C 32 -27.61 13.97 3.22
CA ASN C 32 -29.05 13.71 3.27
C ASN C 32 -29.45 12.54 4.19
N GLU C 33 -28.75 11.42 4.08
CA GLU C 33 -29.03 10.28 4.96
C GLU C 33 -28.61 10.53 6.43
N ALA C 34 -27.81 11.55 6.68
CA ALA C 34 -27.41 11.84 8.03
C ALA C 34 -28.36 12.85 8.71
N ARG C 35 -29.13 13.58 7.89
CA ARG C 35 -30.20 14.49 8.36
C ARG C 35 -31.47 13.69 8.64
N SER C 36 -31.67 12.64 7.84
CA SER C 36 -32.89 11.82 7.82
C SER C 36 -33.49 11.41 9.19
N PRO C 37 -32.67 10.98 10.16
CA PRO C 37 -33.23 10.67 11.49
C PRO C 37 -33.66 11.89 12.32
N LEU C 38 -33.41 13.12 11.88
CA LEU C 38 -33.90 14.31 12.57
C LEU C 38 -35.24 14.79 12.00
N LEU C 39 -35.78 13.99 11.09
CA LEU C 39 -36.97 14.32 10.32
C LEU C 39 -38.03 13.23 10.62
N PRO C 40 -39.33 13.54 10.51
CA PRO C 40 -40.41 12.55 10.68
C PRO C 40 -40.17 11.14 10.12
N GLN C 41 -40.25 10.14 11.03
CA GLN C 41 -40.31 8.70 10.69
C GLN C 41 -41.78 8.22 10.70
N LEU C 42 -42.21 7.51 9.67
CA LEU C 42 -43.63 7.19 9.52
C LEU C 42 -43.88 5.83 8.87
N GLY C 43 -44.13 4.82 9.71
CA GLY C 43 -44.41 3.47 9.27
C GLY C 43 -45.82 2.97 9.54
N LEU C 44 -46.24 1.97 8.76
CA LEU C 44 -47.55 1.36 8.84
C LEU C 44 -47.40 -0.12 9.25
N GLY C 45 -47.70 -0.42 10.52
CA GLY C 45 -47.81 -1.79 11.02
C GLY C 45 -49.22 -2.34 10.84
N ALA C 46 -49.36 -3.66 10.75
CA ALA C 46 -50.68 -4.31 10.54
C ALA C 46 -50.70 -5.86 10.67
N ASP C 47 -50.94 -6.41 11.88
CA ASP C 47 -50.95 -7.89 12.07
C ASP C 47 -52.31 -8.61 12.15
N TYR C 48 -52.20 -9.94 12.20
CA TYR C 48 -53.31 -10.87 12.47
C TYR C 48 -52.81 -12.03 13.39
N THR C 49 -53.28 -12.02 14.65
CA THR C 49 -52.87 -13.00 15.65
C THR C 49 -54.00 -14.01 15.92
N TYR C 50 -53.66 -15.30 15.99
CA TYR C 50 -54.59 -16.36 16.43
C TYR C 50 -54.04 -17.11 17.68
N SER C 51 -54.68 -16.86 18.83
CA SER C 51 -54.33 -17.50 20.10
C SER C 51 -55.14 -18.78 20.37
N ASN C 52 -54.57 -19.64 21.21
CA ASN C 52 -55.19 -20.92 21.61
C ASN C 52 -54.78 -21.28 23.06
N GLY C 53 -55.60 -20.86 24.04
CA GLY C 53 -55.35 -21.08 25.46
C GLY C 53 -55.36 -22.55 25.86
N TYR C 54 -54.57 -22.88 26.88
CA TYR C 54 -54.58 -24.22 27.44
C TYR C 54 -54.24 -24.19 28.94
N ARG C 55 -54.24 -25.36 29.60
CA ARG C 55 -53.95 -25.50 31.04
C ARG C 55 -54.37 -24.26 31.87
N ASP C 56 -55.60 -24.29 32.42
CA ASP C 56 -56.09 -23.25 33.33
C ASP C 56 -56.53 -21.98 32.55
N ALA C 57 -56.55 -22.11 31.23
CA ALA C 57 -57.26 -21.18 30.34
C ALA C 57 -57.62 -21.92 29.04
N ASN C 58 -57.72 -23.25 29.12
CA ASN C 58 -58.29 -24.03 28.02
C ASN C 58 -59.74 -23.62 27.74
N GLY C 59 -60.11 -23.61 26.47
CA GLY C 59 -61.42 -23.18 26.04
C GLY C 59 -61.61 -21.69 25.77
N ILE C 60 -60.66 -20.82 26.19
CA ILE C 60 -60.64 -19.39 25.76
C ILE C 60 -59.65 -19.17 24.56
N ASN C 61 -60.18 -18.72 23.42
CA ASN C 61 -59.42 -18.60 22.17
C ASN C 61 -59.77 -17.30 21.45
N SER C 62 -58.76 -16.60 20.90
CA SER C 62 -58.98 -15.37 20.15
C SER C 62 -58.57 -15.52 18.67
N ASN C 63 -59.07 -14.60 17.84
CA ASN C 63 -58.23 -13.95 16.81
C ASN C 63 -58.37 -12.41 16.68
N ALA C 64 -57.22 -11.74 16.78
CA ALA C 64 -57.12 -10.28 16.72
C ALA C 64 -56.58 -9.83 15.35
N THR C 65 -57.04 -8.67 14.86
CA THR C 65 -56.31 -7.98 13.79
C THR C 65 -56.12 -6.52 14.18
N SER C 66 -54.87 -6.06 14.05
CA SER C 66 -54.50 -4.64 14.24
C SER C 66 -53.95 -3.97 12.95
N ALA C 67 -53.85 -2.65 12.99
CA ALA C 67 -53.29 -1.84 11.91
C ALA C 67 -53.12 -0.42 12.48
N SER C 68 -51.97 0.22 12.20
CA SER C 68 -51.69 1.56 12.73
C SER C 68 -50.66 2.33 11.92
N LEU C 69 -50.88 3.65 11.74
CA LEU C 69 -49.82 4.60 11.35
C LEU C 69 -49.04 4.89 12.63
N GLN C 70 -47.73 4.61 12.65
CA GLN C 70 -46.82 5.05 13.74
C GLN C 70 -45.99 6.25 13.24
N LEU C 71 -45.62 7.16 14.14
CA LEU C 71 -44.79 8.34 13.83
C LEU C 71 -43.76 8.55 14.96
N THR C 72 -42.46 8.64 14.60
CA THR C 72 -41.39 9.06 15.53
C THR C 72 -40.88 10.47 15.15
N GLN C 73 -40.41 11.23 16.14
CA GLN C 73 -39.91 12.58 15.89
C GLN C 73 -38.92 13.02 17.00
N SER C 74 -37.65 13.24 16.62
CA SER C 74 -36.61 13.70 17.53
C SER C 74 -36.93 15.15 17.95
N ILE C 75 -36.86 15.44 19.24
CA ILE C 75 -37.04 16.83 19.72
C ILE C 75 -35.70 17.33 20.31
N PHE C 76 -35.07 16.50 21.16
CA PHE C 76 -33.69 16.72 21.67
C PHE C 76 -32.92 15.41 21.72
N ASP C 77 -31.93 15.31 20.83
CA ASP C 77 -31.02 14.17 20.72
C ASP C 77 -29.73 14.70 20.11
N MET C 78 -28.74 14.99 20.95
CA MET C 78 -27.52 15.66 20.48
C MET C 78 -26.69 14.79 19.53
N SER C 79 -26.68 13.48 19.79
CA SER C 79 -25.91 12.54 18.97
C SER C 79 -26.49 12.35 17.56
N LYS C 80 -27.75 12.71 17.39
CA LYS C 80 -28.35 12.70 16.07
C LYS C 80 -27.90 13.92 15.24
N TRP C 81 -27.69 15.08 15.90
CA TRP C 81 -27.20 16.31 15.24
C TRP C 81 -25.69 16.20 14.90
N ARG C 82 -24.98 15.44 15.74
CA ARG C 82 -23.57 15.08 15.59
C ARG C 82 -23.35 14.27 14.32
N ALA C 83 -24.05 13.14 14.18
CA ALA C 83 -23.96 12.35 12.95
C ALA C 83 -24.17 13.20 11.68
N LEU C 84 -24.90 14.31 11.82
CA LEU C 84 -25.09 15.25 10.71
C LEU C 84 -23.85 16.13 10.43
N THR C 85 -23.30 16.80 11.45
CA THR C 85 -22.10 17.64 11.30
C THR C 85 -20.86 16.80 10.93
N LEU C 86 -20.77 15.60 11.50
CA LEU C 86 -19.73 14.61 11.23
C LEU C 86 -19.74 14.04 9.80
N GLN C 87 -20.91 14.05 9.14
CA GLN C 87 -21.02 13.67 7.76
C GLN C 87 -20.84 14.88 6.83
N GLU C 88 -21.05 16.08 7.37
CA GLU C 88 -20.80 17.34 6.67
C GLU C 88 -19.27 17.58 6.54
N LYS C 89 -18.56 17.33 7.64
CA LYS C 89 -17.11 17.43 7.68
C LYS C 89 -16.45 16.33 6.84
N ALA C 90 -17.01 15.13 6.85
CA ALA C 90 -16.55 14.04 6.00
C ALA C 90 -16.64 14.43 4.53
N ALA C 91 -17.69 15.15 4.17
CA ALA C 91 -17.89 15.59 2.78
C ALA C 91 -16.90 16.71 2.44
N GLY C 92 -16.54 17.49 3.44
CA GLY C 92 -15.55 18.54 3.31
C GLY C 92 -14.15 17.94 3.09
N ILE C 93 -13.85 16.87 3.83
CA ILE C 93 -12.63 16.08 3.63
C ILE C 93 -12.58 15.49 2.20
N GLN C 94 -13.66 14.84 1.77
CA GLN C 94 -13.76 14.24 0.44
C GLN C 94 -13.67 15.22 -0.73
N ASP C 95 -14.10 16.45 -0.49
CA ASP C 95 -14.06 17.52 -1.47
C ASP C 95 -12.61 18.00 -1.64
N VAL C 96 -11.83 17.92 -0.58
CA VAL C 96 -10.44 18.29 -0.62
C VAL C 96 -9.63 17.16 -1.27
N THR C 97 -9.95 15.91 -0.96
CA THR C 97 -9.29 14.81 -1.67
C THR C 97 -9.65 14.81 -3.16
N TYR C 98 -10.80 15.40 -3.51
CA TYR C 98 -11.11 15.56 -4.94
C TYR C 98 -10.21 16.61 -5.58
N GLN C 99 -10.03 17.73 -4.88
CA GLN C 99 -9.14 18.83 -5.27
C GLN C 99 -7.69 18.33 -5.43
N THR C 100 -7.24 17.48 -4.50
CA THR C 100 -5.93 16.84 -4.57
C THR C 100 -5.75 15.97 -5.85
N ASP C 101 -6.79 15.23 -6.23
CA ASP C 101 -6.76 14.32 -7.38
C ASP C 101 -6.85 15.03 -8.72
N GLN C 102 -7.60 16.12 -8.71
CA GLN C 102 -7.70 17.05 -9.83
C GLN C 102 -6.31 17.60 -10.15
N GLN C 103 -5.53 17.83 -9.09
CA GLN C 103 -4.17 18.31 -9.17
C GLN C 103 -3.21 17.19 -9.68
N THR C 104 -3.31 15.99 -9.11
CA THR C 104 -2.53 14.84 -9.53
C THR C 104 -2.67 14.59 -11.04
N LEU C 105 -3.87 14.75 -11.59
CA LEU C 105 -4.06 14.51 -13.02
C LEU C 105 -3.25 15.50 -13.88
N ILE C 106 -3.28 16.78 -13.53
CA ILE C 106 -2.43 17.77 -14.18
C ILE C 106 -0.96 17.35 -14.09
N LEU C 107 -0.45 17.10 -12.87
CA LEU C 107 0.96 16.72 -12.67
C LEU C 107 1.32 15.47 -13.42
N ASN C 108 0.51 14.43 -13.30
CA ASN C 108 0.83 13.15 -13.93
C ASN C 108 0.78 13.23 -15.45
N THR C 109 -0.06 14.12 -15.96
CA THR C 109 -0.21 14.29 -17.41
C THR C 109 0.98 15.06 -17.96
N ALA C 110 1.32 16.17 -17.33
CA ALA C 110 2.52 16.88 -17.75
C ALA C 110 3.79 16.00 -17.59
N THR C 111 3.93 15.29 -16.48
CA THR C 111 5.05 14.38 -16.29
C THR C 111 5.13 13.35 -17.41
N ALA C 112 4.01 12.72 -17.77
CA ALA C 112 4.03 11.63 -18.74
C ALA C 112 4.30 12.17 -20.13
N TYR C 113 3.86 13.40 -20.36
CA TYR C 113 4.00 14.06 -21.64
C TYR C 113 5.45 14.39 -21.92
N PHE C 114 6.13 14.99 -20.94
CA PHE C 114 7.56 15.30 -21.04
C PHE C 114 8.43 14.01 -21.02
N ASN C 115 7.90 12.91 -20.52
CA ASN C 115 8.65 11.65 -20.44
C ASN C 115 8.79 11.07 -21.81
N VAL C 116 7.78 11.33 -22.64
CA VAL C 116 7.73 10.87 -24.02
C VAL C 116 8.73 11.65 -24.85
N LEU C 117 8.70 12.96 -24.65
CA LEU C 117 9.61 13.91 -25.23
C LEU C 117 11.07 13.55 -24.96
N ASN C 118 11.37 13.27 -23.69
CA ASN C 118 12.67 12.87 -23.24
C ASN C 118 13.10 11.58 -23.88
N ALA C 119 12.18 10.65 -24.05
CA ALA C 119 12.52 9.36 -24.66
C ALA C 119 12.71 9.51 -26.18
N ILE C 120 12.11 10.55 -26.75
CA ILE C 120 12.26 10.86 -28.16
C ILE C 120 13.65 11.44 -28.40
N ASP C 121 14.13 12.26 -27.47
CA ASP C 121 15.46 12.83 -27.53
C ASP C 121 16.56 11.78 -27.30
N VAL C 122 16.34 10.87 -26.37
CA VAL C 122 17.32 9.83 -26.11
C VAL C 122 17.49 8.98 -27.37
N LEU C 123 16.36 8.56 -27.96
CA LEU C 123 16.42 7.75 -29.17
C LEU C 123 17.04 8.51 -30.34
N SER C 124 16.75 9.81 -30.44
CA SER C 124 17.22 10.55 -31.58
C SER C 124 18.74 10.85 -31.50
N TYR C 125 19.24 11.08 -30.29
CA TYR C 125 20.66 11.16 -30.00
C TYR C 125 21.36 9.82 -30.15
N THR C 126 20.71 8.73 -29.76
CA THR C 126 21.31 7.41 -29.88
C THR C 126 21.42 7.12 -31.36
N GLN C 127 20.48 7.65 -32.13
CA GLN C 127 20.53 7.46 -33.55
C GLN C 127 21.62 8.32 -34.19
N ALA C 128 21.76 9.55 -33.71
CA ALA C 128 22.81 10.46 -34.11
C ALA C 128 24.16 9.81 -33.82
N GLN C 129 24.27 9.22 -32.63
CA GLN C 129 25.47 8.51 -32.23
C GLN C 129 25.80 7.33 -33.14
N LYS C 130 24.79 6.52 -33.44
CA LYS C 130 24.89 5.41 -34.41
C LYS C 130 25.51 5.80 -35.78
N GLU C 131 24.99 6.90 -36.34
CA GLU C 131 25.37 7.44 -37.63
C GLU C 131 26.81 7.97 -37.65
N ALA C 132 27.16 8.73 -36.60
CA ALA C 132 28.49 9.28 -36.39
C ALA C 132 29.52 8.15 -36.39
N ILE C 133 29.23 7.12 -35.59
CA ILE C 133 30.14 5.99 -35.52
C ILE C 133 30.13 5.10 -36.75
N TYR C 134 28.98 5.04 -37.43
CA TYR C 134 28.93 4.43 -38.72
C TYR C 134 29.84 5.19 -39.71
N ARG C 135 29.75 6.51 -39.79
CA ARG C 135 30.61 7.32 -40.66
C ARG C 135 32.10 6.99 -40.39
N GLN C 136 32.44 6.80 -39.12
CA GLN C 136 33.79 6.40 -38.74
C GLN C 136 34.16 5.07 -39.32
N LEU C 137 33.34 4.06 -39.06
CA LEU C 137 33.53 2.70 -39.55
C LEU C 137 33.65 2.62 -41.07
N ASP C 138 32.85 3.39 -41.79
CA ASP C 138 32.85 3.44 -43.24
C ASP C 138 34.14 4.04 -43.73
N GLN C 139 34.52 5.15 -43.12
CA GLN C 139 35.66 5.89 -43.60
C GLN C 139 36.98 5.17 -43.28
N THR C 140 36.90 4.20 -42.36
CA THR C 140 38.08 3.43 -41.90
C THR C 140 38.23 2.20 -42.75
N THR C 141 37.10 1.59 -43.05
CA THR C 141 37.05 0.55 -44.05
C THR C 141 37.59 1.05 -45.42
N GLN C 142 37.22 2.27 -45.82
CA GLN C 142 37.75 2.87 -47.04
C GLN C 142 39.29 2.99 -46.97
N ARG C 143 39.77 3.70 -45.92
CA ARG C 143 41.21 3.86 -45.64
C ARG C 143 41.94 2.50 -45.58
N PHE C 144 41.28 1.48 -45.04
CA PHE C 144 41.87 0.13 -44.91
C PHE C 144 42.19 -0.42 -46.26
N ASN C 145 41.22 -0.29 -47.19
CA ASN C 145 41.39 -0.84 -48.55
C ASN C 145 42.46 -0.19 -49.38
N VAL C 146 42.66 1.11 -49.25
CA VAL C 146 43.75 1.75 -49.95
C VAL C 146 45.12 1.94 -49.15
N GLY C 147 45.27 1.18 -48.04
CA GLY C 147 46.53 1.01 -47.32
C GLY C 147 46.99 2.12 -46.38
N LEU C 148 46.08 2.99 -45.95
CA LEU C 148 46.39 4.12 -45.06
C LEU C 148 46.37 3.85 -43.53
N VAL C 149 45.58 2.85 -43.11
CA VAL C 149 45.25 2.57 -41.70
C VAL C 149 45.25 1.04 -41.53
N ALA C 150 45.61 0.51 -40.36
CA ALA C 150 45.56 -0.95 -40.30
C ALA C 150 44.13 -1.61 -40.04
N ILE C 151 44.06 -2.94 -40.24
CA ILE C 151 42.88 -3.75 -39.98
C ILE C 151 42.26 -3.49 -38.62
N THR C 152 43.16 -3.22 -37.68
CA THR C 152 42.83 -3.08 -36.28
C THR C 152 41.83 -1.91 -36.08
N ASP C 153 42.04 -0.80 -36.81
CA ASP C 153 41.10 0.31 -36.78
C ASP C 153 39.69 -0.09 -37.13
N VAL C 154 39.54 -0.96 -38.16
CA VAL C 154 38.23 -1.42 -38.66
C VAL C 154 37.61 -2.26 -37.58
N GLN C 155 38.41 -3.11 -37.00
CA GLN C 155 37.82 -4.03 -36.08
C GLN C 155 37.31 -3.36 -34.81
N ASN C 156 38.06 -2.36 -34.33
CA ASN C 156 37.65 -1.58 -33.16
C ASN C 156 36.44 -0.75 -33.44
N ALA C 157 36.39 -0.14 -34.62
CA ALA C 157 35.20 0.63 -35.02
C ALA C 157 33.91 -0.23 -35.05
N ARG C 158 34.04 -1.46 -35.53
CA ARG C 158 32.91 -2.33 -35.72
C ARG C 158 32.32 -2.73 -34.35
N ALA C 159 33.22 -3.14 -33.46
CA ALA C 159 32.85 -3.54 -32.11
C ALA C 159 32.05 -2.44 -31.41
N GLN C 160 32.50 -1.21 -31.62
CA GLN C 160 31.91 -0.10 -30.93
C GLN C 160 30.57 0.34 -31.53
N TYR C 161 30.45 0.25 -32.85
CA TYR C 161 29.16 0.36 -33.54
C TYR C 161 28.11 -0.72 -33.09
N ASP C 162 28.55 -1.96 -32.93
CA ASP C 162 27.67 -2.98 -32.42
C ASP C 162 26.99 -2.59 -31.09
N THR C 163 27.79 -2.11 -30.15
CA THR C 163 27.31 -1.60 -28.87
C THR C 163 26.25 -0.51 -29.02
N VAL C 164 26.44 0.38 -29.95
CA VAL C 164 25.47 1.44 -30.12
C VAL C 164 24.20 0.92 -30.81
N LEU C 165 24.30 -0.12 -31.69
CA LEU C 165 23.10 -0.81 -32.26
C LEU C 165 22.17 -1.36 -31.19
N ALA C 166 22.79 -2.00 -30.21
CA ALA C 166 22.14 -2.57 -29.05
C ALA C 166 21.51 -1.54 -28.14
N ASN C 167 22.14 -0.37 -28.06
CA ASN C 167 21.62 0.69 -27.22
C ASN C 167 20.39 1.28 -27.85
N GLU C 168 20.32 1.17 -29.17
CA GLU C 168 19.22 1.70 -29.91
C GLU C 168 17.90 0.96 -29.64
N LEU C 169 17.99 -0.38 -29.57
CA LEU C 169 16.87 -1.24 -29.23
C LEU C 169 16.28 -0.89 -27.92
N THR C 170 17.13 -0.63 -26.92
CA THR C 170 16.57 -0.22 -25.66
C THR C 170 16.05 1.21 -25.62
N ALA C 171 16.67 2.11 -26.38
CA ALA C 171 16.20 3.50 -26.43
C ALA C 171 14.83 3.59 -27.13
N ARG C 172 14.59 2.69 -28.09
CA ARG C 172 13.32 2.61 -28.81
C ARG C 172 12.23 1.95 -27.95
N ASN C 173 12.61 0.93 -27.17
CA ASN C 173 11.69 0.31 -26.24
C ASN C 173 11.22 1.24 -25.10
N ASN C 174 12.15 2.02 -24.55
CA ASN C 174 11.82 3.04 -23.55
C ASN C 174 10.80 4.06 -24.05
N LEU C 175 10.89 4.40 -25.33
CA LEU C 175 9.98 5.34 -25.97
C LEU C 175 8.58 4.75 -26.20
N ASP C 176 8.50 3.56 -26.83
CA ASP C 176 7.25 2.80 -26.92
C ASP C 176 6.50 2.68 -25.60
N ASN C 177 7.25 2.41 -24.52
CA ASN C 177 6.66 2.23 -23.20
C ASN C 177 6.29 3.51 -22.48
N ALA C 178 6.93 4.62 -22.85
CA ALA C 178 6.57 5.93 -22.27
C ALA C 178 5.35 6.49 -23.00
N VAL C 179 5.20 6.04 -24.25
CA VAL C 179 4.02 6.29 -25.06
C VAL C 179 2.83 5.53 -24.44
N GLU C 180 3.11 4.31 -23.98
CA GLU C 180 2.13 3.52 -23.29
C GLU C 180 1.75 4.05 -21.91
N GLN C 181 2.74 4.50 -21.14
CA GLN C 181 2.45 5.24 -19.92
C GLN C 181 1.44 6.39 -20.19
N LEU C 182 1.58 7.06 -21.33
CA LEU C 182 0.79 8.23 -21.63
C LEU C 182 -0.63 7.83 -22.05
N ARG C 183 -0.78 6.77 -22.83
CA ARG C 183 -2.11 6.26 -23.16
C ARG C 183 -2.93 5.82 -21.92
N GLN C 184 -2.26 5.29 -20.90
CA GLN C 184 -2.96 4.91 -19.67
C GLN C 184 -3.58 6.11 -18.95
N ILE C 185 -2.87 7.23 -18.94
CA ILE C 185 -3.30 8.40 -18.21
C ILE C 185 -4.32 9.12 -19.08
N THR C 186 -4.26 8.85 -20.37
CA THR C 186 -4.83 9.74 -21.37
C THR C 186 -6.01 9.17 -22.16
N GLY C 187 -5.98 7.86 -22.42
CA GLY C 187 -6.98 7.18 -23.24
C GLY C 187 -6.56 7.04 -24.71
N ASN C 188 -5.81 8.03 -25.17
CA ASN C 188 -5.39 8.17 -26.57
C ASN C 188 -3.99 7.73 -26.87
N TYR C 189 -3.79 7.21 -28.07
CA TYR C 189 -2.46 7.02 -28.62
C TYR C 189 -2.09 8.27 -29.46
N TYR C 190 -0.90 8.84 -29.24
CA TYR C 190 -0.53 10.06 -29.95
C TYR C 190 0.63 9.80 -30.90
N PRO C 191 0.43 10.07 -32.18
CA PRO C 191 1.44 9.75 -33.21
C PRO C 191 2.51 10.86 -33.27
N GLU C 192 2.15 12.03 -32.75
CA GLU C 192 3.06 13.13 -32.56
C GLU C 192 2.70 14.05 -31.40
N LEU C 193 3.71 14.62 -30.76
CA LEU C 193 3.53 15.68 -29.76
C LEU C 193 4.22 16.97 -30.19
N ALA C 194 3.97 18.03 -29.43
CA ALA C 194 4.72 19.27 -29.57
C ALA C 194 5.97 19.22 -28.70
N ALA C 195 7.12 19.33 -29.37
CA ALA C 195 8.45 19.29 -28.78
C ALA C 195 8.73 20.53 -28.00
N LEU C 196 9.62 20.38 -27.04
CA LEU C 196 10.15 21.51 -26.29
C LEU C 196 10.93 22.41 -27.23
N ASN C 197 10.67 23.71 -27.13
CA ASN C 197 11.36 24.73 -27.92
C ASN C 197 12.68 25.00 -27.29
N VAL C 198 13.73 24.57 -27.96
CA VAL C 198 15.06 24.67 -27.39
C VAL C 198 15.76 25.94 -27.83
N GLU C 199 15.32 26.55 -28.92
CA GLU C 199 15.84 27.88 -29.29
C GLU C 199 15.40 28.97 -28.31
N ASN C 200 14.18 28.86 -27.79
CA ASN C 200 13.68 29.84 -26.84
C ASN C 200 13.77 29.51 -25.35
N PHE C 201 14.49 28.43 -25.04
CA PHE C 201 14.66 27.98 -23.66
C PHE C 201 15.49 28.91 -22.75
N LYS C 202 14.84 29.36 -21.67
CA LYS C 202 15.47 30.06 -20.55
C LYS C 202 14.98 29.41 -19.27
N THR C 203 15.79 29.51 -18.22
CA THR C 203 15.41 29.09 -16.88
C THR C 203 15.28 30.35 -16.03
N ASP C 204 14.53 30.26 -14.94
CA ASP C 204 14.36 31.36 -13.99
C ASP C 204 14.66 30.87 -12.59
N LYS C 205 15.31 31.67 -11.75
CA LYS C 205 15.56 31.30 -10.36
C LYS C 205 14.19 31.12 -9.66
N PRO C 206 14.00 30.11 -8.81
CA PRO C 206 12.73 30.01 -8.07
C PRO C 206 12.57 31.11 -7.01
N GLN C 207 11.39 31.24 -6.41
CA GLN C 207 11.19 32.18 -5.30
C GLN C 207 12.03 31.69 -4.11
N PRO C 208 12.48 32.57 -3.21
CA PRO C 208 13.25 32.13 -2.03
C PRO C 208 12.57 30.94 -1.29
N VAL C 209 13.31 30.02 -0.68
CA VAL C 209 12.64 28.84 -0.08
C VAL C 209 11.63 29.09 1.10
N ASN C 210 11.88 30.09 1.97
CA ASN C 210 10.94 30.50 3.01
C ASN C 210 9.62 31.03 2.43
N ALA C 211 9.71 31.82 1.37
CA ALA C 211 8.54 32.33 0.68
C ALA C 211 7.65 31.20 0.15
N LEU C 212 8.27 30.20 -0.46
CA LEU C 212 7.59 29.00 -0.94
C LEU C 212 7.06 28.13 0.20
N LEU C 213 7.79 28.06 1.32
CA LEU C 213 7.31 27.35 2.52
C LEU C 213 6.08 28.03 3.18
N LYS C 214 6.09 29.36 3.29
CA LYS C 214 4.97 30.17 3.74
C LYS C 214 3.73 29.97 2.87
N GLU C 215 3.89 30.05 1.56
CA GLU C 215 2.77 29.86 0.64
C GLU C 215 2.20 28.44 0.72
N ALA C 216 3.03 27.45 1.06
CA ALA C 216 2.56 26.07 1.18
C ALA C 216 1.89 25.70 2.52
N GLU C 217 2.24 26.41 3.60
CA GLU C 217 1.59 26.27 4.92
C GLU C 217 0.16 26.85 4.81
N LYS C 218 0.00 27.81 3.91
CA LYS C 218 -1.31 28.39 3.63
C LYS C 218 -2.19 27.54 2.69
N ARG C 219 -1.62 26.94 1.64
CA ARG C 219 -2.43 26.47 0.51
C ARG C 219 -2.34 24.99 0.12
N ASN C 220 -1.32 24.30 0.62
CA ASN C 220 -1.14 22.89 0.28
C ASN C 220 -2.39 22.08 0.58
N LEU C 221 -2.79 21.25 -0.38
CA LEU C 221 -4.00 20.43 -0.29
C LEU C 221 -3.90 19.24 0.65
N SER C 222 -2.70 18.67 0.79
CA SER C 222 -2.53 17.53 1.66
C SER C 222 -2.63 17.95 3.10
N LEU C 223 -2.19 19.17 3.39
CA LEU C 223 -2.29 19.64 4.76
C LEU C 223 -3.54 20.50 5.12
N LEU C 224 -4.30 20.97 4.13
CA LEU C 224 -5.67 21.33 4.41
C LEU C 224 -6.39 20.05 4.86
N GLN C 225 -6.29 18.97 4.09
CA GLN C 225 -6.89 17.71 4.51
C GLN C 225 -6.47 17.18 5.89
N ALA C 226 -5.20 17.26 6.25
CA ALA C 226 -4.78 16.85 7.58
C ALA C 226 -5.41 17.75 8.64
N ARG C 227 -5.57 19.02 8.34
CA ARG C 227 -6.17 19.97 9.26
C ARG C 227 -7.69 19.70 9.48
N LEU C 228 -8.41 19.49 8.38
CA LEU C 228 -9.79 19.05 8.39
C LEU C 228 -9.95 17.70 9.12
N SER C 229 -8.99 16.80 8.95
CA SER C 229 -9.05 15.52 9.65
C SER C 229 -8.81 15.61 11.16
N GLN C 230 -8.27 16.74 11.62
CA GLN C 230 -8.02 17.07 13.03
C GLN C 230 -9.31 17.64 13.67
N ASP C 231 -9.97 18.52 12.91
CA ASP C 231 -11.31 18.98 13.21
C ASP C 231 -12.27 17.81 13.39
N LEU C 232 -12.31 16.89 12.42
CA LEU C 232 -13.11 15.66 12.51
C LEU C 232 -12.84 14.81 13.76
N ALA C 233 -11.59 14.75 14.22
CA ALA C 233 -11.29 13.98 15.42
C ALA C 233 -11.73 14.68 16.72
N ARG C 234 -11.93 16.00 16.65
CA ARG C 234 -12.28 16.83 17.81
C ARG C 234 -13.78 16.77 18.01
N GLU C 235 -14.47 16.81 16.89
CA GLU C 235 -15.90 16.60 16.79
C GLU C 235 -16.25 15.17 17.18
N GLN C 236 -15.29 14.25 17.04
CA GLN C 236 -15.45 12.85 17.42
C GLN C 236 -15.39 12.66 18.96
N ILE C 237 -14.70 13.57 19.66
CA ILE C 237 -14.68 13.59 21.12
C ILE C 237 -16.06 14.05 21.58
N ARG C 238 -16.56 15.08 20.92
CA ARG C 238 -17.87 15.62 21.21
C ARG C 238 -18.99 14.60 21.00
N GLN C 239 -18.88 13.76 19.97
CA GLN C 239 -19.86 12.70 19.73
C GLN C 239 -19.87 11.63 20.80
N ALA C 240 -18.71 11.37 21.39
CA ALA C 240 -18.66 10.41 22.47
C ALA C 240 -19.18 11.03 23.77
N GLN C 241 -18.92 12.31 23.99
CA GLN C 241 -19.41 13.05 25.18
C GLN C 241 -20.96 13.14 25.24
N ASP C 242 -21.60 13.02 24.08
CA ASP C 242 -23.05 12.95 23.93
C ASP C 242 -23.73 11.77 24.61
N GLY C 243 -23.03 10.64 24.75
CA GLY C 243 -23.57 9.46 25.41
C GLY C 243 -24.05 9.72 26.84
N HIS C 244 -23.55 10.78 27.45
CA HIS C 244 -23.95 11.27 28.77
C HIS C 244 -25.31 11.98 28.79
N LEU C 245 -25.66 12.61 27.68
CA LEU C 245 -26.82 13.50 27.59
C LEU C 245 -28.20 12.80 27.56
N PRO C 246 -29.24 13.49 28.06
CA PRO C 246 -30.62 12.98 27.99
C PRO C 246 -31.30 13.12 26.60
N THR C 247 -32.07 12.11 26.17
CA THR C 247 -32.85 12.16 24.91
C THR C 247 -34.37 12.42 25.09
N LEU C 248 -34.93 13.37 24.32
CA LEU C 248 -36.36 13.71 24.37
C LEU C 248 -37.09 13.45 23.02
N ASP C 249 -37.79 12.31 22.92
CA ASP C 249 -38.56 11.93 21.70
C ASP C 249 -40.07 12.22 21.72
N LEU C 250 -40.73 11.94 20.59
CA LEU C 250 -42.17 12.12 20.46
C LEU C 250 -42.77 10.96 19.66
N THR C 251 -43.81 10.33 20.22
CA THR C 251 -44.58 9.31 19.50
C THR C 251 -45.97 9.84 19.04
N ALA C 252 -46.53 9.20 18.02
CA ALA C 252 -47.89 9.47 17.59
C ALA C 252 -48.32 8.22 16.87
N SER C 253 -49.59 7.85 17.07
CA SER C 253 -50.21 6.74 16.33
C SER C 253 -51.72 6.93 16.14
N THR C 254 -52.26 6.13 15.23
CA THR C 254 -53.69 6.03 15.00
C THR C 254 -54.00 4.58 14.60
N GLY C 255 -54.36 3.77 15.59
CA GLY C 255 -54.55 2.33 15.41
C GLY C 255 -55.91 1.68 15.73
N ILE C 256 -56.38 0.86 14.78
CA ILE C 256 -57.53 -0.02 14.95
C ILE C 256 -57.11 -1.39 15.53
N SER C 257 -58.02 -2.07 16.23
CA SER C 257 -57.83 -3.49 16.60
C SER C 257 -59.14 -4.21 16.89
N ASP C 258 -59.39 -5.26 16.10
CA ASP C 258 -60.58 -6.10 16.28
C ASP C 258 -60.49 -7.04 17.50
N THR C 259 -60.45 -8.36 17.28
CA THR C 259 -60.55 -9.40 18.34
C THR C 259 -61.98 -9.95 18.54
N SER C 260 -62.11 -11.20 18.09
CA SER C 260 -63.30 -12.03 18.31
C SER C 260 -62.86 -13.26 19.12
N TYR C 261 -63.45 -13.49 20.30
CA TYR C 261 -63.17 -14.72 21.05
C TYR C 261 -64.16 -15.84 20.70
N SER C 262 -63.87 -17.06 21.15
CA SER C 262 -64.62 -18.26 20.75
C SER C 262 -64.18 -19.51 21.53
N GLY C 263 -64.94 -20.61 21.40
CA GLY C 263 -64.73 -21.85 22.15
C GLY C 263 -65.58 -21.98 23.43
N SER C 264 -65.21 -22.93 24.30
CA SER C 264 -66.08 -23.29 25.44
C SER C 264 -66.15 -22.42 26.70
N LYS C 265 -65.03 -21.94 27.25
CA LYS C 265 -65.07 -21.05 28.46
C LYS C 265 -65.19 -19.55 28.11
N THR C 266 -66.08 -19.25 27.16
CA THR C 266 -66.25 -17.93 26.54
C THR C 266 -67.37 -17.02 27.15
N ARG C 267 -68.48 -17.65 27.58
CA ARG C 267 -69.66 -17.02 28.22
C ARG C 267 -69.71 -17.44 29.71
N GLY C 268 -70.85 -17.23 30.39
CA GLY C 268 -71.11 -17.68 31.76
C GLY C 268 -69.96 -17.76 32.80
N ALA C 269 -69.90 -16.76 33.70
CA ALA C 269 -68.79 -16.49 34.68
C ALA C 269 -67.60 -15.67 34.12
N ALA C 270 -67.77 -15.20 32.88
CA ALA C 270 -66.86 -14.25 32.24
C ALA C 270 -67.26 -12.81 32.64
N GLY C 271 -68.42 -12.37 32.16
CA GLY C 271 -68.98 -11.05 32.45
C GLY C 271 -68.34 -9.88 31.68
N THR C 272 -68.66 -9.74 30.38
CA THR C 272 -68.22 -8.59 29.52
C THR C 272 -66.78 -8.70 28.92
N GLN C 273 -65.81 -9.25 29.66
CA GLN C 273 -64.39 -9.17 29.22
C GLN C 273 -63.94 -10.19 28.10
N TYR C 274 -64.83 -11.13 27.73
CA TYR C 274 -64.61 -11.97 26.54
C TYR C 274 -65.69 -11.78 25.43
N ASP C 275 -66.19 -10.55 25.25
CA ASP C 275 -67.17 -10.24 24.19
C ASP C 275 -66.49 -9.97 22.84
N ASP C 276 -66.89 -8.89 22.16
CA ASP C 276 -66.18 -8.38 20.99
C ASP C 276 -65.75 -6.94 21.24
N SER C 277 -64.45 -6.76 21.51
CA SER C 277 -63.84 -5.43 21.52
C SER C 277 -63.55 -5.08 20.05
N ASN C 278 -63.81 -3.82 19.69
CA ASN C 278 -63.38 -3.28 18.39
C ASN C 278 -62.74 -1.90 18.61
N MET C 279 -61.57 -1.93 19.26
CA MET C 279 -60.87 -0.74 19.79
C MET C 279 -60.41 0.29 18.74
N GLY C 280 -60.01 1.45 19.24
CA GLY C 280 -59.61 2.55 18.38
C GLY C 280 -58.86 3.54 19.24
N GLN C 281 -57.72 3.99 18.70
CA GLN C 281 -56.68 4.67 19.47
C GLN C 281 -56.01 5.82 18.73
N ASN C 282 -55.89 6.97 19.38
CA ASN C 282 -55.06 8.06 18.90
C ASN C 282 -54.10 8.49 20.02
N LYS C 283 -52.79 8.39 19.75
CA LYS C 283 -51.77 8.75 20.75
C LYS C 283 -50.87 9.91 20.31
N VAL C 284 -50.40 10.69 21.30
CA VAL C 284 -49.27 11.62 21.17
C VAL C 284 -48.50 11.54 22.49
N GLY C 285 -47.27 11.00 22.44
CA GLY C 285 -46.42 10.83 23.63
C GLY C 285 -45.04 11.47 23.59
N LEU C 286 -44.47 11.71 24.76
CA LEU C 286 -43.11 12.23 24.89
C LEU C 286 -42.30 11.25 25.71
N SER C 287 -41.28 10.63 25.09
CA SER C 287 -40.28 9.80 25.79
C SER C 287 -39.10 10.63 26.32
N PHE C 288 -38.52 10.20 27.43
CA PHE C 288 -37.35 10.87 28.04
C PHE C 288 -36.35 9.83 28.59
N SER C 289 -35.07 9.98 28.22
CA SER C 289 -34.05 8.98 28.56
C SER C 289 -32.75 9.63 29.02
N LEU C 290 -32.32 9.28 30.22
CA LEU C 290 -31.06 9.76 30.79
C LEU C 290 -30.24 8.54 31.25
N PRO C 291 -29.09 8.31 30.59
CA PRO C 291 -28.07 7.33 31.02
C PRO C 291 -27.64 7.15 32.50
N ILE C 292 -27.14 8.15 33.22
CA ILE C 292 -26.57 7.93 34.59
C ILE C 292 -25.33 7.01 34.71
N TYR C 293 -25.42 5.74 34.28
CA TYR C 293 -24.28 4.81 34.40
C TYR C 293 -24.37 3.52 33.53
N GLN C 294 -23.50 3.37 32.52
CA GLN C 294 -23.51 2.20 31.66
C GLN C 294 -22.20 1.38 31.74
N GLY C 295 -21.55 1.42 32.90
CA GLY C 295 -20.36 0.60 33.13
C GLY C 295 -19.06 1.31 32.84
N GLY C 296 -19.11 2.63 32.68
CA GLY C 296 -17.98 3.40 32.22
C GLY C 296 -17.76 3.29 30.72
N MET C 297 -18.76 2.80 29.99
CA MET C 297 -18.79 2.76 28.52
C MET C 297 -18.50 4.14 27.95
N VAL C 298 -19.43 5.07 28.07
CA VAL C 298 -19.09 6.46 27.84
C VAL C 298 -18.00 6.72 28.87
N ASN C 299 -17.12 7.68 28.61
CA ASN C 299 -15.92 7.95 29.45
C ASN C 299 -14.70 7.35 28.82
N SER C 300 -14.73 6.03 28.68
CA SER C 300 -13.73 5.27 27.97
C SER C 300 -13.89 5.49 26.47
N GLN C 301 -15.13 5.65 26.00
CA GLN C 301 -15.39 6.04 24.61
C GLN C 301 -14.84 7.46 24.33
N VAL C 302 -14.83 8.29 25.38
CA VAL C 302 -14.36 9.67 25.33
C VAL C 302 -12.84 9.73 25.41
N LYS C 303 -12.25 8.86 26.24
CA LYS C 303 -10.80 8.72 26.39
C LYS C 303 -10.19 8.17 25.10
N GLN C 304 -10.81 7.15 24.52
CA GLN C 304 -10.46 6.65 23.19
C GLN C 304 -10.46 7.76 22.15
N ALA C 305 -11.51 8.56 22.10
CA ALA C 305 -11.53 9.66 21.14
C ALA C 305 -10.58 10.81 21.47
N GLN C 306 -10.14 10.92 22.72
CA GLN C 306 -9.14 11.93 23.09
C GLN C 306 -7.75 11.55 22.55
N TYR C 307 -7.43 10.26 22.65
CA TYR C 307 -6.20 9.66 22.14
C TYR C 307 -6.20 9.63 20.61
N ASN C 308 -7.33 9.29 20.01
CA ASN C 308 -7.52 9.41 18.57
C ASN C 308 -7.36 10.87 18.10
N PHE C 309 -7.56 11.84 18.99
CA PHE C 309 -7.33 13.25 18.65
C PHE C 309 -5.84 13.58 18.61
N VAL C 310 -5.07 13.11 19.59
CA VAL C 310 -3.64 13.39 19.55
C VAL C 310 -3.03 12.65 18.33
N GLY C 311 -3.55 11.47 18.03
CA GLY C 311 -3.23 10.76 16.81
C GLY C 311 -3.35 11.60 15.55
N ALA C 312 -4.51 12.20 15.32
CA ALA C 312 -4.69 13.04 14.15
C ALA C 312 -3.89 14.36 14.21
N SER C 313 -3.49 14.75 15.41
CA SER C 313 -2.59 15.89 15.66
C SER C 313 -1.14 15.57 15.25
N GLU C 314 -0.78 14.31 15.42
CA GLU C 314 0.50 13.81 14.96
C GLU C 314 0.51 13.61 13.44
N GLN C 315 -0.59 13.12 12.86
CA GLN C 315 -0.69 13.00 11.38
C GLN C 315 -0.63 14.35 10.68
N LEU C 316 -0.99 15.40 11.45
CA LEU C 316 -0.88 16.78 11.02
C LEU C 316 0.60 17.26 11.04
N GLU C 317 1.34 16.89 12.09
CA GLU C 317 2.77 17.16 12.18
C GLU C 317 3.50 16.32 11.12
N SER C 318 2.96 15.16 10.77
CA SER C 318 3.55 14.30 9.73
C SER C 318 3.39 14.90 8.35
N ALA C 319 2.21 15.46 8.08
CA ALA C 319 1.92 15.97 6.76
C ALA C 319 2.61 17.32 6.51
N HIS C 320 2.96 18.01 7.59
CA HIS C 320 3.68 19.27 7.56
C HIS C 320 5.15 19.00 7.20
N ARG C 321 5.75 18.06 7.92
CA ARG C 321 7.08 17.59 7.65
C ARG C 321 7.21 17.09 6.24
N SER C 322 6.19 16.39 5.77
CA SER C 322 6.21 15.80 4.44
C SER C 322 6.10 16.85 3.37
N VAL C 323 5.50 17.98 3.66
CA VAL C 323 5.50 19.04 2.66
C VAL C 323 6.66 20.05 2.83
N VAL C 324 7.21 20.17 4.03
CA VAL C 324 8.50 20.80 4.21
C VAL C 324 9.60 20.08 3.35
N GLN C 325 9.52 18.76 3.25
CA GLN C 325 10.43 17.95 2.46
C GLN C 325 10.20 18.14 0.96
N THR C 326 8.94 18.08 0.52
CA THR C 326 8.59 18.21 -0.91
C THR C 326 8.89 19.58 -1.45
N VAL C 327 8.71 20.64 -0.67
CA VAL C 327 9.10 21.97 -1.17
C VAL C 327 10.61 22.19 -1.13
N ARG C 328 11.25 21.82 -0.02
CA ARG C 328 12.67 22.07 0.14
C ARG C 328 13.53 21.26 -0.86
N SER C 329 13.13 20.01 -1.11
CA SER C 329 13.86 19.18 -2.07
C SER C 329 13.48 19.50 -3.49
N SER C 330 12.32 20.13 -3.68
CA SER C 330 11.98 20.64 -5.01
C SER C 330 12.76 21.92 -5.34
N PHE C 331 12.92 22.81 -4.36
CA PHE C 331 13.78 23.99 -4.47
C PHE C 331 15.20 23.59 -4.80
N ASN C 332 15.67 22.54 -4.14
CA ASN C 332 16.98 22.05 -4.33
C ASN C 332 17.15 21.42 -5.71
N ASN C 333 16.19 20.60 -6.12
CA ASN C 333 16.22 20.04 -7.48
C ASN C 333 16.11 21.06 -8.63
N ILE C 334 15.33 22.12 -8.45
CA ILE C 334 15.24 23.20 -9.45
C ILE C 334 16.58 23.92 -9.63
N ASN C 335 17.20 24.32 -8.52
CA ASN C 335 18.46 25.03 -8.59
C ASN C 335 19.57 24.18 -9.24
N ALA C 336 19.58 22.91 -8.86
CA ALA C 336 20.53 21.96 -9.34
C ALA C 336 20.29 21.66 -10.79
N SER C 337 19.05 21.66 -11.23
CA SER C 337 18.74 21.45 -12.64
C SER C 337 19.25 22.58 -13.51
N ILE C 338 19.15 23.81 -12.98
CA ILE C 338 19.65 25.01 -13.61
C ILE C 338 21.18 24.91 -13.74
N SER C 339 21.83 24.55 -12.63
CA SER C 339 23.24 24.28 -12.53
C SER C 339 23.73 23.21 -13.48
N SER C 340 22.92 22.16 -13.62
CA SER C 340 23.16 21.08 -14.57
C SER C 340 23.07 21.52 -16.03
N ILE C 341 22.05 22.33 -16.31
CA ILE C 341 21.82 22.83 -17.65
C ILE C 341 23.02 23.63 -18.08
N ASN C 342 23.48 24.53 -17.21
CA ASN C 342 24.72 25.30 -17.42
C ASN C 342 25.99 24.43 -17.62
N ALA C 343 26.15 23.41 -16.76
CA ALA C 343 27.35 22.57 -16.79
C ALA C 343 27.43 21.64 -18.00
N TYR C 344 26.29 21.17 -18.49
CA TYR C 344 26.24 20.30 -19.67
C TYR C 344 26.32 21.06 -21.00
N LYS C 345 25.83 22.30 -21.01
CA LYS C 345 26.05 23.23 -22.10
C LYS C 345 27.55 23.36 -22.35
N GLN C 346 28.26 23.75 -21.30
CA GLN C 346 29.69 23.91 -21.37
C GLN C 346 30.41 22.59 -21.76
N ALA C 347 29.95 21.46 -21.18
CA ALA C 347 30.39 20.09 -21.54
C ALA C 347 30.26 19.69 -22.99
N VAL C 348 29.13 20.01 -23.64
CA VAL C 348 29.00 19.74 -25.06
C VAL C 348 30.10 20.47 -25.82
N VAL C 349 30.29 21.75 -25.53
CA VAL C 349 31.31 22.57 -26.20
C VAL C 349 32.69 21.92 -26.07
N SER C 350 33.11 21.69 -24.83
CA SER C 350 34.39 21.10 -24.65
C SER C 350 34.50 19.72 -25.23
N ALA C 351 33.42 18.92 -25.17
CA ALA C 351 33.44 17.57 -25.74
C ALA C 351 33.57 17.48 -27.27
N GLN C 352 32.96 18.42 -27.98
CA GLN C 352 33.05 18.54 -29.43
C GLN C 352 34.46 18.99 -29.84
N SER C 353 35.02 19.88 -29.02
CA SER C 353 36.37 20.37 -29.27
C SER C 353 37.43 19.26 -28.96
N SER C 354 37.17 18.48 -27.94
CA SER C 354 37.94 17.31 -27.68
C SER C 354 37.85 16.26 -28.80
N LEU C 355 36.63 16.07 -29.33
CA LEU C 355 36.45 15.17 -30.47
C LEU C 355 37.24 15.65 -31.67
N ASP C 356 37.08 16.92 -32.03
CA ASP C 356 37.93 17.56 -33.03
C ASP C 356 39.45 17.36 -32.78
N ALA C 357 39.86 17.41 -31.52
CA ALA C 357 41.21 17.20 -31.16
C ALA C 357 41.71 15.74 -31.29
N MET C 358 40.83 14.81 -30.93
CA MET C 358 41.10 13.39 -31.23
C MET C 358 41.21 13.12 -32.72
N GLU C 359 40.42 13.77 -33.56
CA GLU C 359 40.53 13.50 -34.97
C GLU C 359 41.88 13.94 -35.51
N ALA C 360 42.26 15.16 -35.14
CA ALA C 360 43.48 15.76 -35.59
C ALA C 360 44.65 14.87 -35.14
N GLY C 361 44.61 14.44 -33.89
CA GLY C 361 45.61 13.54 -33.34
C GLY C 361 45.71 12.20 -34.03
N TYR C 362 44.57 11.60 -34.34
CA TYR C 362 44.55 10.38 -35.13
C TYR C 362 45.32 10.45 -36.48
N SER C 363 45.22 11.57 -37.18
CA SER C 363 45.83 11.70 -38.50
C SER C 363 47.35 11.97 -38.47
N VAL C 364 47.86 12.47 -37.34
CA VAL C 364 49.31 12.57 -37.09
C VAL C 364 49.92 11.48 -36.13
N GLY C 365 49.15 10.47 -35.76
CA GLY C 365 49.65 9.40 -34.91
C GLY C 365 49.69 9.53 -33.40
N THR C 366 49.18 10.61 -32.81
CA THR C 366 49.22 10.75 -31.37
C THR C 366 47.96 10.37 -30.60
N ARG C 367 46.90 9.98 -31.30
CA ARG C 367 45.69 9.36 -30.75
C ARG C 367 45.28 8.20 -31.75
N THR C 368 44.45 7.25 -31.30
CA THR C 368 43.97 6.15 -32.15
C THR C 368 42.51 6.34 -32.56
N ILE C 369 42.01 5.46 -33.41
CA ILE C 369 40.61 5.41 -33.72
C ILE C 369 39.79 5.19 -32.42
N VAL C 370 40.39 4.54 -31.41
CA VAL C 370 39.69 4.22 -30.16
C VAL C 370 39.36 5.54 -29.42
N ASP C 371 40.31 6.49 -29.45
CA ASP C 371 40.06 7.83 -28.89
C ASP C 371 38.98 8.62 -29.57
N VAL C 372 38.95 8.56 -30.90
CA VAL C 372 38.00 9.25 -31.74
C VAL C 372 36.59 8.73 -31.39
N LEU C 373 36.44 7.41 -31.35
CA LEU C 373 35.16 6.75 -31.04
C LEU C 373 34.64 7.12 -29.64
N ASP C 374 35.55 7.04 -28.65
CA ASP C 374 35.35 7.39 -27.27
C ASP C 374 34.87 8.85 -27.11
N ALA C 375 35.44 9.74 -27.93
CA ALA C 375 35.14 11.15 -27.89
C ALA C 375 33.80 11.47 -28.53
N THR C 376 33.41 10.64 -29.51
CA THR C 376 32.08 10.61 -30.07
C THR C 376 31.08 10.18 -29.00
N THR C 377 31.44 9.18 -28.20
CA THR C 377 30.54 8.73 -27.16
C THR C 377 30.33 9.78 -26.11
N THR C 378 31.42 10.31 -25.56
CA THR C 378 31.41 11.41 -24.60
C THR C 378 30.51 12.58 -25.05
N LEU C 379 30.56 12.92 -26.33
CA LEU C 379 29.85 14.06 -26.90
C LEU C 379 28.33 13.87 -26.88
N TYR C 380 27.91 12.74 -27.44
CA TYR C 380 26.52 12.33 -27.37
C TYR C 380 25.99 12.08 -25.97
N ASN C 381 26.82 11.60 -25.04
CA ASN C 381 26.40 11.45 -23.66
C ASN C 381 26.13 12.83 -23.03
N ALA C 382 26.95 13.82 -23.37
CA ALA C 382 26.75 15.17 -22.83
C ALA C 382 25.45 15.87 -23.33
N LYS C 383 25.06 15.53 -24.56
CA LYS C 383 23.96 16.14 -25.26
C LYS C 383 22.70 15.59 -24.67
N GLN C 384 22.75 14.29 -24.39
CA GLN C 384 21.68 13.54 -23.76
C GLN C 384 21.45 14.06 -22.35
N GLU C 385 22.52 14.27 -21.62
CA GLU C 385 22.43 14.80 -20.27
C GLU C 385 21.91 16.22 -20.25
N LEU C 386 22.14 16.97 -21.32
CA LEU C 386 21.65 18.33 -21.37
C LEU C 386 20.13 18.38 -21.63
N ALA C 387 19.67 17.52 -22.53
CA ALA C 387 18.25 17.42 -22.86
C ALA C 387 17.51 16.97 -21.59
N ASN C 388 18.13 16.01 -20.91
CA ASN C 388 17.55 15.39 -19.74
C ASN C 388 17.32 16.39 -18.60
N ALA C 389 18.26 17.32 -18.45
CA ALA C 389 18.20 18.33 -17.41
C ALA C 389 17.10 19.40 -17.63
N ARG C 390 16.71 19.57 -18.88
CA ARG C 390 15.77 20.57 -19.26
C ARG C 390 14.34 20.05 -18.86
N TYR C 391 14.13 18.77 -19.12
CA TYR C 391 12.92 18.09 -18.74
C TYR C 391 12.83 18.02 -17.23
N ASN C 392 13.97 17.74 -16.59
CA ASN C 392 14.10 17.71 -15.14
C ASN C 392 13.70 19.01 -14.55
N TYR C 393 14.18 20.07 -15.18
CA TYR C 393 13.88 21.44 -14.77
C TYR C 393 12.39 21.74 -14.70
N LEU C 394 11.69 21.49 -15.81
CA LEU C 394 10.27 21.68 -15.95
C LEU C 394 9.40 20.78 -15.04
N ILE C 395 9.80 19.51 -14.85
CA ILE C 395 9.08 18.58 -13.96
C ILE C 395 9.12 19.09 -12.53
N ASN C 396 10.23 19.71 -12.17
CA ASN C 396 10.39 20.25 -10.85
C ASN C 396 9.69 21.59 -10.69
N GLN C 397 9.41 22.25 -11.80
CA GLN C 397 8.53 23.42 -11.81
C GLN C 397 7.14 22.98 -11.44
N LEU C 398 6.77 21.81 -11.96
CA LEU C 398 5.52 21.13 -11.73
C LEU C 398 5.36 20.59 -10.32
N ASN C 399 6.42 19.98 -9.79
CA ASN C 399 6.35 19.39 -8.47
C ASN C 399 6.24 20.46 -7.39
N ILE C 400 6.75 21.66 -7.69
CA ILE C 400 6.74 22.72 -6.70
C ILE C 400 5.41 23.40 -6.66
N LYS C 401 4.79 23.58 -7.82
CA LYS C 401 3.44 24.11 -7.89
C LYS C 401 2.48 23.17 -7.19
N SER C 402 2.65 21.87 -7.39
CA SER C 402 1.86 20.89 -6.65
C SER C 402 2.09 20.94 -5.16
N ALA C 403 3.34 21.09 -4.72
CA ALA C 403 3.64 21.24 -3.30
C ALA C 403 3.07 22.55 -2.72
N LEU C 404 2.91 23.56 -3.57
CA LEU C 404 2.28 24.78 -3.14
C LEU C 404 0.74 24.65 -2.98
N GLY C 405 0.13 23.74 -3.73
CA GLY C 405 -1.31 23.59 -3.73
C GLY C 405 -2.03 24.24 -4.91
N THR C 406 -1.31 25.09 -5.64
CA THR C 406 -1.89 25.95 -6.67
C THR C 406 -1.74 25.49 -8.12
N LEU C 407 -1.53 24.20 -8.37
CA LEU C 407 -1.27 23.73 -9.73
C LEU C 407 -2.53 23.66 -10.54
N ASN C 408 -2.63 24.46 -11.58
CA ASN C 408 -3.86 24.53 -12.37
C ASN C 408 -3.63 24.57 -13.86
N GLU C 409 -4.69 24.87 -14.60
CA GLU C 409 -4.62 24.93 -16.07
C GLU C 409 -3.96 26.21 -16.64
N GLN C 410 -3.78 27.24 -15.81
CA GLN C 410 -2.94 28.40 -16.16
C GLN C 410 -1.46 28.02 -16.19
N ASP C 411 -1.02 27.23 -15.21
CA ASP C 411 0.33 26.70 -15.14
C ASP C 411 0.63 25.81 -16.33
N LEU C 412 -0.36 25.06 -16.79
CA LEU C 412 -0.22 24.19 -17.94
C LEU C 412 -0.23 24.98 -19.24
N LEU C 413 -0.84 26.16 -19.23
CA LEU C 413 -0.84 27.04 -20.40
C LEU C 413 0.58 27.58 -20.60
N ALA C 414 1.20 28.04 -19.51
CA ALA C 414 2.56 28.58 -19.54
C ALA C 414 3.61 27.62 -20.12
N LEU C 415 3.55 26.36 -19.68
CA LEU C 415 4.36 25.27 -20.21
C LEU C 415 4.07 24.99 -21.68
N ASN C 416 2.81 25.08 -22.07
CA ASN C 416 2.42 24.88 -23.45
C ASN C 416 2.94 25.97 -24.39
N ASN C 417 3.18 27.15 -23.82
CA ASN C 417 3.80 28.27 -24.56
C ASN C 417 5.30 28.11 -24.76
N ALA C 418 5.91 27.09 -24.16
CA ALA C 418 7.31 26.77 -24.32
C ALA C 418 7.48 25.62 -25.28
N LEU C 419 6.42 25.28 -26.01
CA LEU C 419 6.44 24.21 -27.01
C LEU C 419 6.35 24.80 -28.40
N SER C 420 6.59 23.97 -29.41
CA SER C 420 6.63 24.40 -30.83
C SER C 420 6.39 23.24 -31.80
N LYS C 421 7.38 22.94 -32.64
CA LYS C 421 7.19 22.04 -33.78
C LYS C 421 6.77 20.60 -33.40
N PRO C 422 5.97 19.98 -34.26
CA PRO C 422 5.65 18.54 -34.15
C PRO C 422 6.88 17.63 -34.24
N VAL C 423 6.85 16.53 -33.49
CA VAL C 423 7.92 15.53 -33.50
C VAL C 423 7.24 14.18 -33.36
N SER C 424 7.69 13.18 -34.10
CA SER C 424 7.02 11.88 -34.13
C SER C 424 7.38 10.93 -32.95
N THR C 425 6.38 10.23 -32.42
CA THR C 425 6.58 9.26 -31.33
C THR C 425 6.79 7.84 -31.84
N ASN C 426 6.82 7.69 -33.16
CA ASN C 426 7.22 6.45 -33.80
C ASN C 426 7.94 6.69 -35.13
N PRO C 427 9.18 7.17 -35.09
CA PRO C 427 9.96 7.41 -36.32
C PRO C 427 10.64 6.15 -36.83
N GLU C 428 11.50 6.31 -37.83
CA GLU C 428 12.66 5.43 -37.93
C GLU C 428 13.97 6.20 -38.25
#